data_1VCL
#
_entry.id   1VCL
#
_cell.length_a   52.42
_cell.length_b   65.37
_cell.length_c   126.02
_cell.angle_alpha   90.00
_cell.angle_beta   98.18
_cell.angle_gamma   90.00
#
_symmetry.space_group_name_H-M   'P 1 21 1'
#
loop_
_entity.id
_entity.type
_entity.pdbx_description
1 polymer 'hemolytic lectin CEL-III'
2 non-polymer 'CALCIUM ION'
3 non-polymer 'MAGNESIUM ION'
4 non-polymer 'CHLORIDE ION'
5 non-polymer 2-[BIS-(2-HYDROXY-ETHYL)-AMINO]-2-HYDROXYMETHYL-PROPANE-1,3-DIOL
6 water water
#
_entity_poly.entity_id   1
_entity_poly.type   'polypeptide(L)'
_entity_poly.pdbx_seq_one_letter_code
;(PCA)VLCTNPLDIGELRSFKSKQCVDIVGNQGSGNIATYDCDGLSDQQIIICGDGTIRNEARNYCFTPDGSGNANVMSS
PCTLYPEIPSSQRWRQGRRKTFTDNGGIEQVATEIINLASGKCLDIEGSDGTGDIGVYDCQNLDDQYFYVRSRGPELFYG
RLRNEKSDLCLDVEGSDGKGNVLMYSCEDNLDQWFRYYENGEIVNAKSGMCLDVEGSDGSGNVGIYRCDDLRDQMWSRPN
AYCNGDYCSFLNKESNKCLDVSGDQGTGDVGTWQCDGLPDQRFKWVFDDWEVPTATWNMVGCDQNGKVSQQISNTISFSS
TVTAGVAVEVSSTIEKGVIFAKATVSVKVTASLSKAWTNSQSGTTAITYTCDNYDSDEEFTRGCMWQLAIETTEVKSGDL
LVWNPQIVKCTRSNTAPGCAPFTKCANEDCTFCTDI
;
_entity_poly.pdbx_strand_id   A,B
#
loop_
_chem_comp.id
_chem_comp.type
_chem_comp.name
_chem_comp.formula
BTB non-polymer 2-[BIS-(2-HYDROXY-ETHYL)-AMINO]-2-HYDROXYMETHYL-PROPANE-1,3-DIOL 'C8 H19 N O5'
CA non-polymer 'CALCIUM ION' 'Ca 2'
CL non-polymer 'CHLORIDE ION' 'Cl -1'
MG non-polymer 'MAGNESIUM ION' 'Mg 2'
#
# COMPACT_ATOMS: atom_id res chain seq x y z
N PCA A 1 11.45 15.06 1.08
CA PCA A 1 12.32 13.98 0.52
CB PCA A 1 13.18 13.36 1.63
CG PCA A 1 13.07 14.30 2.83
CD PCA A 1 11.91 15.19 2.47
OE PCA A 1 11.40 15.97 3.27
C PCA A 1 11.41 12.97 -0.20
O PCA A 1 10.90 12.02 0.41
N VAL A 2 11.23 13.20 -1.51
CA VAL A 2 10.39 12.35 -2.34
C VAL A 2 10.85 10.89 -2.24
N LEU A 3 12.15 10.68 -2.45
CA LEU A 3 12.80 9.39 -2.22
C LEU A 3 13.64 9.51 -0.94
N CYS A 4 13.96 8.39 -0.31
CA CYS A 4 14.89 8.45 0.82
C CYS A 4 16.29 8.63 0.26
N THR A 5 16.85 9.84 0.41
CA THR A 5 18.14 10.16 -0.17
C THR A 5 19.27 9.99 0.84
N ASN A 6 18.91 9.80 2.10
CA ASN A 6 19.93 9.65 3.14
C ASN A 6 19.72 8.39 3.96
N PRO A 7 19.74 7.22 3.31
CA PRO A 7 19.44 5.98 4.03
C PRO A 7 20.57 5.65 5.02
N LEU A 8 20.23 4.98 6.11
CA LEU A 8 21.20 4.45 7.08
C LEU A 8 21.34 2.95 7.04
N ASP A 9 20.36 2.23 6.50
CA ASP A 9 20.42 0.77 6.44
C ASP A 9 19.30 0.27 5.54
N ILE A 10 19.56 -0.81 4.83
CA ILE A 10 18.56 -1.53 4.04
C ILE A 10 18.69 -3.04 4.31
N GLY A 11 17.59 -3.68 4.64
CA GLY A 11 17.56 -5.11 4.83
C GLY A 11 16.29 -5.58 5.53
N GLU A 12 16.26 -6.84 5.91
CA GLU A 12 15.14 -7.39 6.63
C GLU A 12 15.13 -6.78 8.00
N LEU A 13 13.95 -6.37 8.45
CA LEU A 13 13.77 -5.91 9.82
C LEU A 13 13.19 -7.08 10.61
N ARG A 14 13.93 -7.55 11.59
CA ARG A 14 13.55 -8.74 12.35
C ARG A 14 13.11 -8.39 13.75
N SER A 15 12.14 -9.15 14.26
CA SER A 15 11.80 -9.14 15.67
C SER A 15 12.89 -9.83 16.48
N PHE A 16 13.38 -9.16 17.52
CA PHE A 16 14.34 -9.77 18.45
C PHE A 16 13.74 -10.99 19.12
N LYS A 17 12.46 -10.90 19.46
CA LYS A 17 11.77 -11.98 20.18
C LYS A 17 11.63 -13.25 19.32
N SER A 18 11.03 -13.11 18.14
CA SER A 18 10.65 -14.28 17.33
C SER A 18 11.59 -14.56 16.16
N LYS A 19 12.36 -13.54 15.75
CA LYS A 19 13.21 -13.61 14.55
C LYS A 19 12.39 -13.57 13.24
N GLN A 20 11.09 -13.39 13.34
CA GLN A 20 10.26 -13.22 12.15
C GLN A 20 10.56 -11.89 11.48
N CYS A 21 10.28 -11.81 10.19
CA CYS A 21 10.39 -10.52 9.50
C CYS A 21 9.16 -9.60 9.71
N VAL A 22 9.43 -8.32 9.79
CA VAL A 22 8.42 -7.28 9.65
C VAL A 22 7.99 -7.23 8.18
N ASP A 23 6.70 -7.47 7.96
CA ASP A 23 6.16 -7.82 6.66
C ASP A 23 4.99 -6.90 6.32
N ILE A 24 4.96 -6.42 5.09
CA ILE A 24 3.79 -5.74 4.56
C ILE A 24 3.00 -6.83 3.84
N VAL A 25 1.68 -6.83 4.04
CA VAL A 25 0.81 -7.83 3.44
C VAL A 25 1.00 -7.85 1.93
N GLY A 26 1.01 -9.04 1.34
CA GLY A 26 1.27 -9.18 -0.08
C GLY A 26 2.71 -8.85 -0.45
N ASN A 27 2.91 -8.33 -1.66
CA ASN A 27 4.27 -8.01 -2.14
C ASN A 27 4.39 -6.62 -2.76
N GLN A 28 3.35 -5.80 -2.66
CA GLN A 28 3.36 -4.51 -3.35
C GLN A 28 3.91 -3.34 -2.53
N GLY A 29 4.30 -3.58 -1.28
CA GLY A 29 4.90 -2.55 -0.43
C GLY A 29 3.93 -1.55 0.20
N SER A 30 2.64 -1.82 0.07
CA SER A 30 1.60 -0.98 0.63
C SER A 30 0.61 -1.84 1.38
N GLY A 31 0.15 -1.34 2.52
CA GLY A 31 -0.89 -2.03 3.28
C GLY A 31 -0.46 -2.34 4.69
N ASN A 32 -1.17 -3.26 5.33
CA ASN A 32 -0.96 -3.58 6.73
C ASN A 32 0.39 -4.23 7.00
N ILE A 33 0.95 -3.95 8.18
CA ILE A 33 2.24 -4.50 8.60
C ILE A 33 2.04 -5.44 9.78
N ALA A 34 2.63 -6.62 9.68
CA ALA A 34 2.57 -7.63 10.73
C ALA A 34 3.81 -8.48 10.59
N THR A 35 4.00 -9.46 11.47
CA THR A 35 5.10 -10.39 11.30
C THR A 35 4.77 -11.48 10.28
N TYR A 36 5.81 -12.03 9.67
CA TYR A 36 5.67 -13.16 8.75
C TYR A 36 7.03 -13.81 8.56
N ASP A 37 7.02 -15.02 8.02
CA ASP A 37 8.24 -15.63 7.52
C ASP A 37 8.94 -14.71 6.54
N CYS A 38 10.26 -14.78 6.52
CA CYS A 38 11.03 -13.95 5.61
C CYS A 38 11.01 -14.62 4.25
N ASP A 39 10.54 -13.93 3.23
CA ASP A 39 10.30 -14.58 1.94
C ASP A 39 11.12 -14.04 0.78
N GLY A 40 12.08 -13.18 1.08
CA GLY A 40 13.01 -12.65 0.09
C GLY A 40 12.45 -11.64 -0.89
N LEU A 41 11.24 -11.17 -0.66
CA LEU A 41 10.61 -10.23 -1.58
C LEU A 41 11.00 -8.79 -1.23
N SER A 42 10.87 -7.89 -2.19
CA SER A 42 11.38 -6.53 -2.03
C SER A 42 10.64 -5.71 -0.98
N ASP A 43 9.40 -6.07 -0.68
CA ASP A 43 8.64 -5.36 0.36
C ASP A 43 9.20 -5.59 1.79
N GLN A 44 9.92 -6.69 1.99
CA GLN A 44 10.53 -7.00 3.28
C GLN A 44 11.96 -6.44 3.36
N GLN A 45 12.41 -5.81 2.28
CA GLN A 45 13.66 -5.03 2.31
C GLN A 45 13.32 -3.65 2.81
N ILE A 46 13.48 -3.48 4.11
CA ILE A 46 13.14 -2.25 4.79
C ILE A 46 14.27 -1.22 4.68
N ILE A 47 13.91 0.03 4.47
CA ILE A 47 14.84 1.13 4.35
C ILE A 47 14.74 2.00 5.60
N ILE A 48 15.79 1.99 6.40
CA ILE A 48 15.89 2.83 7.58
C ILE A 48 16.43 4.17 7.07
N CYS A 49 15.54 5.17 6.93
CA CYS A 49 15.90 6.44 6.37
C CYS A 49 16.42 7.46 7.39
N GLY A 50 17.42 8.21 6.97
CA GLY A 50 18.00 9.26 7.81
C GLY A 50 17.03 10.38 8.14
N ASP A 51 15.99 10.54 7.34
CA ASP A 51 14.95 11.53 7.68
C ASP A 51 13.97 11.10 8.77
N GLY A 52 14.17 9.92 9.37
CA GLY A 52 13.27 9.38 10.37
C GLY A 52 12.24 8.41 9.85
N THR A 53 12.02 8.40 8.54
CA THR A 53 11.05 7.47 7.97
C THR A 53 11.57 6.06 7.86
N ILE A 54 10.63 5.13 7.77
CA ILE A 54 10.95 3.74 7.52
C ILE A 54 10.18 3.37 6.25
N ARG A 55 10.91 3.01 5.21
CA ARG A 55 10.32 2.74 3.91
C ARG A 55 10.66 1.31 3.49
N ASN A 56 10.37 0.95 2.25
CA ASN A 56 10.74 -0.36 1.73
C ASN A 56 11.06 -0.30 0.24
N GLU A 57 11.65 -1.37 -0.29
CA GLU A 57 12.12 -1.38 -1.67
C GLU A 57 11.03 -1.71 -2.69
N ALA A 58 9.91 -2.25 -2.24
CA ALA A 58 8.81 -2.57 -3.17
C ALA A 58 8.03 -1.32 -3.59
N ARG A 59 7.79 -0.44 -2.62
CA ARG A 59 7.07 0.82 -2.87
C ARG A 59 7.64 1.90 -1.95
N ASN A 60 7.76 3.11 -2.46
CA ASN A 60 8.30 4.24 -1.73
C ASN A 60 7.24 4.79 -0.76
N TYR A 61 6.84 3.96 0.19
CA TYR A 61 5.84 4.29 1.22
C TYR A 61 6.48 4.19 2.61
N CYS A 62 5.80 4.76 3.60
CA CYS A 62 6.35 4.94 4.96
C CYS A 62 5.54 4.18 6.00
N PHE A 63 6.23 3.64 7.01
CA PHE A 63 5.59 3.07 8.18
C PHE A 63 4.83 4.18 8.87
N THR A 64 3.52 3.98 9.08
CA THR A 64 2.62 5.04 9.48
C THR A 64 1.63 4.53 10.50
N PRO A 65 1.53 5.17 11.67
CA PRO A 65 0.48 4.79 12.63
C PRO A 65 -0.88 5.27 12.09
N ASP A 66 -1.91 4.45 12.26
CA ASP A 66 -3.23 4.75 11.76
C ASP A 66 -3.98 5.39 12.93
N GLY A 67 -3.79 6.70 13.09
CA GLY A 67 -4.36 7.44 14.21
C GLY A 67 -3.35 7.67 15.33
N SER A 68 -3.78 8.36 16.39
CA SER A 68 -2.91 8.71 17.51
C SER A 68 -3.09 7.75 18.68
N GLY A 69 -2.16 7.81 19.63
CA GLY A 69 -2.14 6.90 20.76
C GLY A 69 -1.71 5.51 20.33
N ASN A 70 -2.16 4.48 21.05
CA ASN A 70 -1.94 3.11 20.60
C ASN A 70 -2.73 2.92 19.30
N ALA A 71 -2.03 2.53 18.24
CA ALA A 71 -2.63 2.45 16.91
C ALA A 71 -1.97 1.38 16.05
N ASN A 72 -2.71 0.88 15.06
CA ASN A 72 -2.15 -0.02 14.05
C ASN A 72 -1.09 0.69 13.21
N VAL A 73 -0.10 -0.05 12.71
CA VAL A 73 0.91 0.52 11.82
C VAL A 73 0.79 -0.16 10.45
N MET A 74 0.77 0.68 9.40
CA MET A 74 0.66 0.26 8.00
C MET A 74 1.70 0.98 7.14
N SER A 75 1.93 0.44 5.95
CA SER A 75 2.76 1.12 4.95
C SER A 75 1.85 1.95 4.06
N SER A 76 2.04 3.27 4.09
CA SER A 76 1.19 4.16 3.33
C SER A 76 1.97 5.38 2.82
N PRO A 77 1.37 6.20 1.95
CA PRO A 77 2.08 7.34 1.38
C PRO A 77 2.80 8.19 2.43
N CYS A 78 4.08 8.48 2.17
CA CYS A 78 4.84 9.43 2.97
C CYS A 78 4.29 10.84 2.77
N THR A 79 3.96 11.51 3.87
CA THR A 79 3.52 12.90 3.85
C THR A 79 4.75 13.81 3.85
N LEU A 80 4.86 14.66 2.84
CA LEU A 80 6.10 15.43 2.61
C LEU A 80 5.99 16.93 2.94
N TYR A 81 4.76 17.46 2.92
CA TYR A 81 4.52 18.90 3.04
C TYR A 81 3.48 19.25 4.12
N PRO A 82 3.75 20.26 4.95
CA PRO A 82 4.92 21.16 4.82
C PRO A 82 6.26 20.56 5.24
N GLU A 83 6.21 19.47 5.99
CA GLU A 83 7.39 18.67 6.31
C GLU A 83 6.89 17.24 6.55
N ILE A 84 7.80 16.28 6.65
CA ILE A 84 7.43 14.95 7.10
C ILE A 84 6.99 15.09 8.56
N PRO A 85 5.78 14.62 8.86
CA PRO A 85 5.23 14.80 10.21
C PRO A 85 5.95 13.87 11.18
N SER A 86 5.99 14.26 12.44
CA SER A 86 6.67 13.46 13.45
C SER A 86 6.00 12.09 13.59
N SER A 87 4.73 12.01 13.20
CA SER A 87 4.01 10.73 13.25
C SER A 87 4.61 9.68 12.32
N GLN A 88 5.29 10.09 11.24
CA GLN A 88 5.96 9.14 10.31
C GLN A 88 7.45 9.08 10.48
N ARG A 89 7.93 9.56 11.61
CA ARG A 89 9.33 9.54 11.93
C ARG A 89 9.56 8.75 13.20
N TRP A 90 10.70 8.07 13.24
CA TRP A 90 11.05 7.14 14.29
C TRP A 90 12.51 7.32 14.71
N ARG A 91 12.82 6.94 15.93
CA ARG A 91 14.20 6.92 16.39
C ARG A 91 14.51 5.62 17.12
N GLN A 92 15.79 5.35 17.27
CA GLN A 92 16.27 4.24 18.05
C GLN A 92 16.22 4.56 19.53
N GLY A 93 15.76 3.61 20.33
CA GLY A 93 15.80 3.73 21.77
C GLY A 93 16.97 2.95 22.34
N ARG A 94 16.67 2.19 23.39
CA ARG A 94 17.65 1.36 24.06
C ARG A 94 18.08 0.23 23.13
N ARG A 95 19.27 -0.30 23.40
CA ARG A 95 19.87 -1.32 22.53
C ARG A 95 20.10 -2.62 23.26
N LYS A 96 20.09 -3.71 22.48
CA LYS A 96 20.56 -5.00 22.92
C LYS A 96 21.52 -5.53 21.85
N THR A 97 22.68 -6.06 22.24
CA THR A 97 23.54 -6.78 21.30
C THR A 97 23.41 -8.27 21.59
N PHE A 98 23.51 -9.08 20.53
CA PHE A 98 23.47 -10.52 20.70
C PHE A 98 24.08 -11.21 19.51
N THR A 99 24.44 -12.48 19.70
CA THR A 99 24.95 -13.33 18.66
C THR A 99 23.83 -14.25 18.23
N ASP A 100 23.48 -14.24 16.94
CA ASP A 100 22.37 -15.03 16.48
C ASP A 100 22.81 -16.48 16.22
N ASN A 101 21.89 -17.32 15.74
CA ASN A 101 22.18 -18.74 15.56
C ASN A 101 23.17 -19.01 14.43
N GLY A 102 23.37 -18.02 13.57
CA GLY A 102 24.38 -18.09 12.52
C GLY A 102 25.72 -17.55 12.91
N GLY A 103 25.87 -17.18 14.18
CA GLY A 103 27.10 -16.62 14.72
C GLY A 103 27.38 -15.17 14.46
N ILE A 104 26.36 -14.44 14.00
CA ILE A 104 26.50 -13.02 13.70
C ILE A 104 26.11 -12.13 14.86
N GLU A 105 26.94 -11.12 15.13
CA GLU A 105 26.66 -10.11 16.12
C GLU A 105 25.62 -9.17 15.52
N GLN A 106 24.47 -9.07 16.17
CA GLN A 106 23.40 -8.18 15.76
C GLN A 106 23.20 -7.10 16.82
N VAL A 107 22.56 -6.01 16.43
CA VAL A 107 22.18 -4.94 17.33
C VAL A 107 20.71 -4.69 17.16
N ALA A 108 19.92 -4.95 18.21
CA ALA A 108 18.50 -4.61 18.19
C ALA A 108 18.25 -3.36 19.02
N THR A 109 17.26 -2.56 18.61
CA THR A 109 16.83 -1.42 19.43
C THR A 109 15.32 -1.33 19.49
N GLU A 110 14.83 -0.55 20.45
CA GLU A 110 13.47 -0.05 20.38
C GLU A 110 13.37 0.84 19.16
N ILE A 111 12.17 0.93 18.58
CA ILE A 111 11.89 1.87 17.48
C ILE A 111 10.74 2.73 17.96
N ILE A 112 11.05 4.00 18.23
CA ILE A 112 10.14 4.90 18.93
C ILE A 112 9.59 5.95 18.00
N ASN A 113 8.29 6.14 18.05
CA ASN A 113 7.65 7.15 17.21
C ASN A 113 7.89 8.54 17.78
N LEU A 114 8.25 9.50 16.94
CA LEU A 114 8.60 10.83 17.44
C LEU A 114 7.41 11.64 17.93
N ALA A 115 6.22 11.40 17.37
CA ALA A 115 5.01 12.13 17.78
C ALA A 115 4.52 11.68 19.16
N SER A 116 4.40 10.37 19.34
CA SER A 116 3.77 9.81 20.54
C SER A 116 4.76 9.34 21.60
N GLY A 117 6.00 9.03 21.18
CA GLY A 117 6.96 8.42 22.08
C GLY A 117 6.65 6.96 22.39
N LYS A 118 5.75 6.37 21.61
CA LYS A 118 5.38 4.96 21.80
C LYS A 118 6.30 4.08 20.97
N CYS A 119 6.38 2.81 21.37
CA CYS A 119 7.25 1.84 20.74
C CYS A 119 6.55 1.06 19.62
N LEU A 120 7.27 0.78 18.54
CA LEU A 120 6.81 -0.21 17.58
C LEU A 120 6.71 -1.52 18.35
N ASP A 121 5.62 -2.21 18.14
CA ASP A 121 5.20 -3.26 19.02
C ASP A 121 4.50 -4.36 18.23
N ILE A 122 4.64 -5.58 18.72
CA ILE A 122 3.94 -6.72 18.17
C ILE A 122 2.91 -7.15 19.22
N GLU A 123 1.70 -7.40 18.76
CA GLU A 123 0.64 -7.77 19.67
C GLU A 123 1.08 -8.96 20.52
N GLY A 124 0.74 -8.91 21.81
CA GLY A 124 1.13 -9.95 22.74
C GLY A 124 2.59 -9.84 23.14
N SER A 125 3.20 -11.00 23.40
CA SER A 125 4.58 -11.07 23.85
C SER A 125 5.46 -12.14 23.16
N ASP A 126 4.89 -12.97 22.27
CA ASP A 126 5.67 -14.02 21.58
C ASP A 126 6.40 -13.51 20.32
N GLY A 127 6.19 -12.26 19.97
CA GLY A 127 6.86 -11.69 18.80
C GLY A 127 6.26 -12.10 17.48
N THR A 128 5.01 -12.56 17.51
CA THR A 128 4.27 -12.89 16.30
C THR A 128 2.92 -12.21 16.29
N GLY A 129 2.52 -11.69 15.13
CA GLY A 129 1.23 -11.06 15.00
C GLY A 129 1.27 -9.67 14.40
N ASP A 130 0.12 -9.00 14.54
CA ASP A 130 -0.07 -7.63 14.07
C ASP A 130 0.91 -6.67 14.69
N ILE A 131 1.36 -5.70 13.90
CA ILE A 131 2.31 -4.70 14.37
C ILE A 131 1.60 -3.35 14.46
N GLY A 132 1.78 -2.69 15.61
CA GLY A 132 1.32 -1.33 15.82
C GLY A 132 2.29 -0.54 16.67
N VAL A 133 1.77 0.48 17.36
CA VAL A 133 2.53 1.21 18.36
C VAL A 133 1.82 1.12 19.70
N TYR A 134 2.63 1.06 20.76
CA TYR A 134 2.19 0.81 22.11
C TYR A 134 3.19 1.40 23.10
N ASP A 135 2.76 1.68 24.33
CA ASP A 135 3.70 2.14 25.35
C ASP A 135 4.91 1.22 25.43
N CYS A 136 6.10 1.80 25.59
CA CYS A 136 7.35 1.05 25.71
C CYS A 136 7.42 0.34 27.05
N GLN A 137 7.53 -0.99 27.03
CA GLN A 137 7.53 -1.75 28.30
C GLN A 137 8.70 -2.70 28.44
N ASN A 138 9.78 -2.45 27.68
CA ASN A 138 11.07 -3.11 27.84
C ASN A 138 11.11 -4.57 27.43
N LEU A 139 9.99 -5.15 26.98
CA LEU A 139 9.99 -6.55 26.59
C LEU A 139 10.68 -6.80 25.23
N ASP A 140 11.15 -8.02 25.05
CA ASP A 140 11.96 -8.41 23.89
C ASP A 140 11.25 -8.15 22.56
N ASP A 141 9.93 -8.28 22.57
CA ASP A 141 9.15 -8.11 21.33
C ASP A 141 9.01 -6.66 20.84
N GLN A 142 9.51 -5.70 21.61
CA GLN A 142 9.62 -4.31 21.15
C GLN A 142 11.05 -3.94 20.73
N TYR A 143 11.89 -4.95 20.56
CA TYR A 143 13.22 -4.76 20.01
C TYR A 143 13.28 -5.35 18.60
N PHE A 144 13.95 -4.64 17.71
CA PHE A 144 14.02 -4.97 16.29
C PHE A 144 15.43 -4.77 15.80
N TYR A 145 15.91 -5.65 14.94
CA TYR A 145 17.19 -5.45 14.32
C TYR A 145 17.10 -5.59 12.81
N VAL A 146 17.96 -4.88 12.11
CA VAL A 146 18.15 -5.10 10.69
C VAL A 146 19.16 -6.27 10.54
N ARG A 147 18.73 -7.35 9.91
CA ARG A 147 19.54 -8.55 9.88
C ARG A 147 20.82 -8.39 9.09
N SER A 148 21.94 -8.63 9.75
CA SER A 148 23.21 -8.74 9.10
C SER A 148 23.49 -10.21 8.82
N ARG A 149 24.02 -10.49 7.63
CA ARG A 149 24.51 -11.83 7.30
C ARG A 149 25.96 -11.98 7.71
N GLY A 150 26.54 -10.93 8.29
CA GLY A 150 28.00 -10.84 8.36
C GLY A 150 28.62 -10.59 7.02
N PRO A 151 29.95 -10.53 6.98
CA PRO A 151 30.66 -10.33 5.73
C PRO A 151 30.28 -11.32 4.62
N GLU A 152 30.21 -10.84 3.39
CA GLU A 152 30.25 -11.72 2.23
C GLU A 152 31.68 -12.28 2.11
N LEU A 153 31.82 -13.60 2.22
CA LEU A 153 33.12 -14.27 2.25
C LEU A 153 33.65 -14.54 0.85
N PHE A 154 32.77 -15.09 0.01
CA PHE A 154 33.08 -15.50 -1.35
C PHE A 154 31.83 -15.36 -2.20
N TYR A 155 32.02 -15.44 -3.52
CA TYR A 155 30.94 -15.39 -4.48
C TYR A 155 31.41 -15.85 -5.83
N GLY A 156 30.44 -16.07 -6.71
CA GLY A 156 30.66 -16.54 -8.08
C GLY A 156 29.97 -17.86 -8.36
N ARG A 157 30.37 -18.51 -9.46
CA ARG A 157 29.93 -19.87 -9.74
C ARG A 157 30.75 -20.84 -8.92
N LEU A 158 30.20 -22.03 -8.71
CA LEU A 158 30.88 -23.09 -7.97
C LEU A 158 31.18 -24.23 -8.93
N ARG A 159 32.46 -24.33 -9.33
CA ARG A 159 32.90 -25.28 -10.34
C ARG A 159 33.57 -26.50 -9.70
N ASN A 160 33.05 -27.66 -10.05
CA ASN A 160 33.49 -28.93 -9.50
C ASN A 160 34.90 -29.32 -9.94
N GLU A 161 35.72 -29.79 -9.01
CA GLU A 161 37.11 -30.11 -9.34
C GLU A 161 37.19 -31.33 -10.26
N LYS A 162 36.31 -32.31 -10.05
CA LYS A 162 36.27 -33.53 -10.87
C LYS A 162 35.81 -33.27 -12.30
N SER A 163 34.66 -32.60 -12.47
CA SER A 163 34.00 -32.53 -13.81
C SER A 163 34.14 -31.22 -14.57
N ASP A 164 34.55 -30.16 -13.87
CA ASP A 164 34.53 -28.78 -14.39
C ASP A 164 33.14 -28.26 -14.72
N LEU A 165 32.11 -28.95 -14.21
CA LEU A 165 30.74 -28.46 -14.33
C LEU A 165 30.46 -27.55 -13.14
N CYS A 166 29.39 -26.79 -13.22
CA CYS A 166 29.01 -25.86 -12.16
C CYS A 166 27.73 -26.26 -11.47
N LEU A 167 27.59 -25.89 -10.21
CA LEU A 167 26.27 -25.97 -9.57
C LEU A 167 25.25 -25.15 -10.38
N ASP A 168 24.07 -25.72 -10.54
CA ASP A 168 23.00 -25.09 -11.32
C ASP A 168 21.69 -25.49 -10.69
N VAL A 169 20.66 -24.70 -10.89
CA VAL A 169 19.35 -25.01 -10.36
C VAL A 169 18.48 -25.39 -11.56
N GLU A 170 17.66 -26.42 -11.39
CA GLU A 170 16.74 -26.85 -12.45
C GLU A 170 15.93 -25.64 -12.92
N GLY A 171 15.80 -25.52 -14.23
CA GLY A 171 15.15 -24.36 -14.84
C GLY A 171 16.07 -23.14 -14.85
N SER A 172 15.48 -21.96 -14.87
CA SER A 172 16.22 -20.69 -14.88
C SER A 172 15.84 -19.72 -13.76
N ASP A 173 14.77 -19.97 -13.00
CA ASP A 173 14.27 -19.02 -11.97
C ASP A 173 14.97 -19.11 -10.59
N GLY A 174 15.97 -19.97 -10.50
CA GLY A 174 16.79 -20.06 -9.30
C GLY A 174 16.14 -20.81 -8.15
N LYS A 175 15.11 -21.61 -8.44
CA LYS A 175 14.36 -22.34 -7.43
C LYS A 175 14.29 -23.82 -7.75
N GLY A 176 14.43 -24.65 -6.72
CA GLY A 176 14.21 -26.07 -6.86
C GLY A 176 15.48 -26.88 -6.77
N ASN A 177 15.49 -28.05 -7.40
CA ASN A 177 16.60 -28.96 -7.28
C ASN A 177 17.91 -28.42 -7.84
N VAL A 178 19.00 -28.74 -7.15
CA VAL A 178 20.33 -28.37 -7.59
C VAL A 178 21.06 -29.61 -8.11
N LEU A 179 21.70 -29.42 -9.26
CA LEU A 179 22.40 -30.48 -9.96
C LEU A 179 23.57 -29.87 -10.70
N MET A 180 24.37 -30.71 -11.33
CA MET A 180 25.52 -30.23 -12.08
C MET A 180 25.18 -29.98 -13.55
N TYR A 181 25.73 -28.90 -14.07
CA TYR A 181 25.51 -28.49 -15.47
C TYR A 181 26.72 -27.73 -16.00
N SER A 182 26.82 -27.64 -17.32
CA SER A 182 27.84 -26.84 -17.96
C SER A 182 27.88 -25.41 -17.41
N CYS A 183 29.07 -24.91 -17.10
CA CYS A 183 29.25 -23.53 -16.63
C CYS A 183 28.87 -22.57 -17.76
N GLU A 184 27.90 -21.70 -17.49
CA GLU A 184 27.38 -20.76 -18.47
C GLU A 184 27.13 -19.40 -17.84
N ASP A 185 26.74 -18.42 -18.66
CA ASP A 185 26.51 -17.07 -18.20
C ASP A 185 25.05 -16.93 -17.71
N ASN A 186 24.57 -17.91 -16.94
CA ASN A 186 23.23 -17.91 -16.37
C ASN A 186 23.28 -17.39 -14.93
N LEU A 187 22.35 -16.52 -14.55
CA LEU A 187 22.36 -15.93 -13.22
C LEU A 187 22.15 -16.97 -12.12
N ASP A 188 21.42 -18.03 -12.43
CA ASP A 188 21.12 -19.03 -11.40
C ASP A 188 22.31 -19.93 -11.04
N GLN A 189 23.45 -19.79 -11.72
CA GLN A 189 24.68 -20.46 -11.31
C GLN A 189 25.53 -19.61 -10.37
N TRP A 190 25.13 -18.37 -10.10
CA TRP A 190 25.90 -17.45 -9.24
C TRP A 190 25.42 -17.51 -7.80
N PHE A 191 26.36 -17.68 -6.87
CA PHE A 191 26.02 -17.75 -5.45
C PHE A 191 26.86 -16.74 -4.67
N ARG A 192 26.34 -16.30 -3.52
CA ARG A 192 27.09 -15.48 -2.60
C ARG A 192 27.07 -16.14 -1.23
N TYR A 193 28.24 -16.22 -0.61
CA TYR A 193 28.45 -16.97 0.63
C TYR A 193 28.87 -16.05 1.73
N TYR A 194 28.18 -16.18 2.84
CA TYR A 194 28.29 -15.25 3.96
C TYR A 194 28.81 -15.89 5.24
N GLU A 195 29.30 -15.06 6.14
CA GLU A 195 29.79 -15.51 7.44
C GLU A 195 28.74 -16.26 8.27
N ASN A 196 27.46 -15.97 8.06
CA ASN A 196 26.37 -16.68 8.75
C ASN A 196 26.16 -18.12 8.23
N GLY A 197 26.87 -18.50 7.17
CA GLY A 197 26.78 -19.83 6.62
C GLY A 197 25.91 -19.97 5.40
N GLU A 198 25.07 -18.97 5.13
CA GLU A 198 24.17 -19.03 3.97
C GLU A 198 24.94 -18.97 2.64
N ILE A 199 24.49 -19.77 1.69
CA ILE A 199 24.91 -19.68 0.30
C ILE A 199 23.67 -19.31 -0.52
N VAL A 200 23.66 -18.07 -1.01
CA VAL A 200 22.46 -17.45 -1.55
C VAL A 200 22.55 -17.38 -3.07
N ASN A 201 21.54 -17.92 -3.73
CA ASN A 201 21.46 -17.91 -5.20
C ASN A 201 21.10 -16.52 -5.72
N ALA A 202 21.80 -16.03 -6.72
CA ALA A 202 21.57 -14.68 -7.23
C ALA A 202 20.23 -14.49 -7.91
N LYS A 203 19.73 -15.53 -8.57
CA LYS A 203 18.52 -15.38 -9.37
C LYS A 203 17.30 -15.24 -8.47
N SER A 204 17.22 -16.09 -7.47
CA SER A 204 16.04 -16.20 -6.61
C SER A 204 16.17 -15.51 -5.26
N GLY A 205 17.41 -15.23 -4.84
CA GLY A 205 17.70 -14.82 -3.48
C GLY A 205 17.35 -15.87 -2.43
N MET A 206 17.27 -17.13 -2.84
CA MET A 206 16.95 -18.20 -1.92
C MET A 206 18.24 -18.97 -1.64
N CYS A 207 18.18 -19.87 -0.66
CA CYS A 207 19.37 -20.47 -0.05
C CYS A 207 19.61 -21.90 -0.47
N LEU A 208 20.89 -22.25 -0.53
CA LEU A 208 21.34 -23.63 -0.72
C LEU A 208 20.91 -24.43 0.49
N ASP A 209 20.06 -25.42 0.25
CA ASP A 209 19.25 -26.04 1.29
C ASP A 209 19.31 -27.56 1.16
N VAL A 210 19.23 -28.25 2.29
CA VAL A 210 19.03 -29.69 2.29
C VAL A 210 17.58 -29.99 2.62
N GLU A 211 16.99 -30.97 1.96
CA GLU A 211 15.60 -31.29 2.24
C GLU A 211 15.44 -31.57 3.74
N GLY A 212 14.35 -31.05 4.32
CA GLY A 212 14.10 -31.21 5.73
C GLY A 212 15.04 -30.35 6.54
N SER A 213 15.35 -30.79 7.75
CA SER A 213 16.18 -29.99 8.65
C SER A 213 17.41 -30.70 9.19
N ASP A 214 17.59 -32.01 8.96
CA ASP A 214 18.73 -32.73 9.58
C ASP A 214 20.04 -32.65 8.82
N GLY A 215 20.05 -31.99 7.66
CA GLY A 215 21.27 -31.80 6.89
C GLY A 215 21.71 -32.97 6.05
N SER A 216 20.85 -33.97 5.91
CA SER A 216 21.13 -35.23 5.18
C SER A 216 20.12 -35.38 4.07
N GLY A 217 20.57 -35.37 2.82
CA GLY A 217 19.69 -35.64 1.70
C GLY A 217 19.88 -34.71 0.53
N ASN A 218 18.82 -34.56 -0.25
CA ASN A 218 18.91 -33.81 -1.49
C ASN A 218 19.13 -32.32 -1.28
N VAL A 219 19.92 -31.71 -2.17
CA VAL A 219 20.20 -30.28 -2.12
C VAL A 219 19.45 -29.55 -3.22
N GLY A 220 18.86 -28.44 -2.85
CA GLY A 220 18.16 -27.58 -3.79
C GLY A 220 18.26 -26.13 -3.32
N ILE A 221 17.62 -25.22 -4.03
CA ILE A 221 17.47 -23.85 -3.58
C ILE A 221 16.03 -23.62 -3.10
N TYR A 222 15.89 -23.26 -1.82
CA TYR A 222 14.60 -23.03 -1.19
C TYR A 222 14.67 -21.82 -0.23
N ARG A 223 13.52 -21.30 0.15
CA ARG A 223 13.44 -20.12 1.01
C ARG A 223 14.47 -20.19 2.14
N CYS A 224 15.22 -19.12 2.32
CA CYS A 224 16.17 -19.02 3.44
C CYS A 224 15.34 -19.05 4.72
N ASP A 225 15.60 -20.02 5.58
CA ASP A 225 14.77 -20.29 6.75
C ASP A 225 15.50 -20.17 8.11
N ASP A 226 16.75 -19.74 8.07
CA ASP A 226 17.57 -19.50 9.26
C ASP A 226 18.03 -20.77 9.97
N LEU A 227 17.74 -21.95 9.42
CA LEU A 227 18.09 -23.19 10.12
C LEU A 227 19.53 -23.59 9.83
N ARG A 228 20.09 -24.39 10.71
CA ARG A 228 21.47 -24.85 10.60
C ARG A 228 21.77 -25.73 9.38
N ASP A 229 20.77 -26.41 8.82
CA ASP A 229 21.01 -27.17 7.60
C ASP A 229 21.17 -26.29 6.36
N GLN A 230 20.96 -24.98 6.52
CA GLN A 230 21.25 -24.01 5.44
C GLN A 230 22.53 -23.25 5.71
N MET A 231 23.30 -23.70 6.71
CA MET A 231 24.60 -23.13 7.02
C MET A 231 25.67 -24.08 6.58
N TRP A 232 26.67 -23.50 5.94
CA TRP A 232 27.78 -24.24 5.34
C TRP A 232 29.11 -23.71 5.80
N SER A 233 30.02 -24.62 6.11
CA SER A 233 31.39 -24.27 6.42
C SER A 233 32.28 -24.65 5.22
N ARG A 234 33.37 -23.93 5.07
CA ARG A 234 34.36 -24.15 4.01
C ARG A 234 35.75 -24.21 4.66
N PRO A 235 36.02 -25.27 5.42
CA PRO A 235 37.25 -25.34 6.22
C PRO A 235 38.51 -25.53 5.38
N ASN A 236 39.57 -24.81 5.75
CA ASN A 236 40.86 -24.95 5.09
C ASN A 236 41.26 -26.41 4.92
N ALA A 237 41.00 -27.21 5.95
CA ALA A 237 41.48 -28.61 5.97
C ALA A 237 40.95 -29.42 4.78
N TYR A 238 39.76 -29.08 4.28
CA TYR A 238 39.16 -29.83 3.16
C TYR A 238 39.43 -29.21 1.79
N CYS A 239 40.32 -28.21 1.74
CA CYS A 239 40.70 -27.59 0.49
C CYS A 239 41.91 -28.26 -0.20
N ASN A 240 41.93 -28.12 -1.51
CA ASN A 240 43.07 -28.43 -2.37
C ASN A 240 43.27 -27.16 -3.18
N GLY A 241 44.09 -26.24 -2.68
CA GLY A 241 44.25 -24.97 -3.36
C GLY A 241 42.99 -24.15 -3.24
N ASP A 242 42.40 -23.76 -4.37
CA ASP A 242 41.17 -22.94 -4.37
C ASP A 242 39.91 -23.80 -4.56
N TYR A 243 40.08 -25.12 -4.65
CA TYR A 243 38.95 -26.04 -4.64
C TYR A 243 38.71 -26.52 -3.21
N CYS A 244 37.50 -26.31 -2.69
CA CYS A 244 37.19 -26.61 -1.30
C CYS A 244 35.89 -27.39 -1.15
N SER A 245 35.79 -28.16 -0.08
CA SER A 245 34.51 -28.78 0.30
C SER A 245 33.62 -27.83 1.11
N PHE A 246 32.32 -28.07 1.04
CA PHE A 246 31.34 -27.35 1.82
C PHE A 246 30.67 -28.34 2.76
N LEU A 247 30.87 -28.15 4.05
CA LEU A 247 30.34 -29.07 5.04
C LEU A 247 29.10 -28.44 5.65
N ASN A 248 28.02 -29.22 5.71
CA ASN A 248 26.76 -28.76 6.24
C ASN A 248 26.87 -28.65 7.77
N LYS A 249 26.48 -27.52 8.34
CA LYS A 249 26.66 -27.33 9.76
C LYS A 249 25.79 -28.25 10.63
N GLU A 250 24.66 -28.69 10.12
CA GLU A 250 23.77 -29.53 10.91
C GLU A 250 24.25 -30.97 10.93
N SER A 251 24.59 -31.49 9.76
CA SER A 251 24.89 -32.92 9.62
C SER A 251 26.37 -33.24 9.59
N ASN A 252 27.18 -32.21 9.37
CA ASN A 252 28.61 -32.38 9.10
C ASN A 252 28.92 -33.19 7.84
N LYS A 253 27.94 -33.34 6.95
CA LYS A 253 28.14 -33.98 5.66
C LYS A 253 28.60 -33.01 4.58
N CYS A 254 29.25 -33.55 3.56
CA CYS A 254 29.75 -32.74 2.46
C CYS A 254 28.71 -32.52 1.38
N LEU A 255 28.69 -31.32 0.81
CA LEU A 255 28.05 -31.09 -0.48
C LEU A 255 28.68 -32.07 -1.46
N ASP A 256 27.84 -32.85 -2.12
CA ASP A 256 28.28 -34.02 -2.84
C ASP A 256 27.56 -34.18 -4.16
N VAL A 257 28.24 -34.75 -5.15
CA VAL A 257 27.59 -35.12 -6.39
C VAL A 257 27.48 -36.63 -6.42
N SER A 258 26.33 -37.12 -6.87
CA SER A 258 26.09 -38.56 -6.95
C SER A 258 27.24 -39.29 -7.65
N GLY A 259 27.63 -40.42 -7.08
CA GLY A 259 28.74 -41.21 -7.60
C GLY A 259 30.06 -40.47 -7.47
N ASP A 260 30.91 -40.60 -8.49
CA ASP A 260 32.24 -39.99 -8.44
C ASP A 260 32.69 -39.21 -9.69
N GLN A 261 31.85 -39.12 -10.72
CA GLN A 261 32.21 -38.39 -11.95
C GLN A 261 31.91 -36.88 -11.93
N GLY A 262 31.14 -36.42 -10.95
CA GLY A 262 30.89 -35.00 -10.76
C GLY A 262 29.90 -34.44 -11.77
N THR A 263 29.06 -35.29 -12.34
CA THR A 263 28.10 -34.89 -13.38
C THR A 263 26.62 -34.93 -13.02
N GLY A 264 26.26 -35.57 -11.90
CA GLY A 264 24.85 -35.79 -11.58
C GLY A 264 24.19 -34.83 -10.59
N ASP A 265 23.29 -35.40 -9.82
CA ASP A 265 22.44 -34.70 -8.87
C ASP A 265 23.31 -34.35 -7.65
N VAL A 266 22.95 -33.28 -6.96
CA VAL A 266 23.72 -32.75 -5.83
C VAL A 266 22.90 -32.92 -4.54
N GLY A 267 23.55 -33.45 -3.52
CA GLY A 267 22.98 -33.55 -2.19
C GLY A 267 24.08 -33.45 -1.14
N THR A 268 23.79 -33.90 0.08
CA THR A 268 24.83 -34.11 1.06
C THR A 268 25.06 -35.58 1.30
N TRP A 269 26.31 -35.90 1.61
CA TRP A 269 26.70 -37.26 1.82
C TRP A 269 27.95 -37.24 2.68
N GLN A 270 28.22 -38.36 3.33
CA GLN A 270 29.48 -38.54 4.05
C GLN A 270 30.65 -37.96 3.22
N CYS A 271 31.49 -37.13 3.84
CA CYS A 271 32.70 -36.64 3.17
C CYS A 271 33.60 -37.82 2.83
N ASP A 272 34.22 -37.78 1.66
CA ASP A 272 35.14 -38.85 1.26
C ASP A 272 36.44 -38.36 0.60
N GLY A 273 36.68 -37.05 0.58
CA GLY A 273 37.95 -36.51 0.10
C GLY A 273 38.18 -36.58 -1.40
N LEU A 274 37.18 -37.01 -2.14
CA LEU A 274 37.31 -37.13 -3.58
C LEU A 274 37.11 -35.79 -4.25
N PRO A 275 37.66 -35.61 -5.44
CA PRO A 275 37.54 -34.32 -6.15
C PRO A 275 36.10 -33.87 -6.44
N ASP A 276 35.14 -34.79 -6.58
CA ASP A 276 33.76 -34.40 -6.84
C ASP A 276 33.08 -33.74 -5.64
N GLN A 277 33.74 -33.74 -4.48
CA GLN A 277 33.25 -33.01 -3.32
C GLN A 277 34.01 -31.71 -3.10
N ARG A 278 34.74 -31.24 -4.10
CA ARG A 278 35.40 -29.93 -4.00
C ARG A 278 34.98 -29.02 -5.15
N PHE A 279 34.87 -27.72 -4.83
CA PHE A 279 34.39 -26.72 -5.76
C PHE A 279 35.20 -25.43 -5.60
N LYS A 280 35.43 -24.75 -6.71
CA LYS A 280 36.14 -23.47 -6.74
C LYS A 280 35.16 -22.33 -7.06
N TRP A 281 35.35 -21.19 -6.42
CA TRP A 281 34.61 -19.98 -6.77
C TRP A 281 35.17 -19.41 -8.06
N VAL A 282 34.30 -19.19 -9.03
CA VAL A 282 34.71 -18.66 -10.34
C VAL A 282 33.98 -17.35 -10.55
N PHE A 283 34.77 -16.30 -10.72
CA PHE A 283 34.26 -14.95 -10.86
C PHE A 283 35.34 -14.10 -11.53
N ASP A 284 34.93 -12.99 -12.12
CA ASP A 284 35.87 -12.02 -12.71
C ASP A 284 36.36 -11.06 -11.64
N ASP A 285 37.61 -10.63 -11.73
CA ASP A 285 38.13 -9.69 -10.75
C ASP A 285 37.74 -8.24 -11.06
N TRP A 286 37.15 -7.59 -10.07
CA TRP A 286 36.92 -6.15 -10.08
C TRP A 286 37.69 -5.55 -8.92
N GLU A 287 38.18 -4.32 -9.08
CA GLU A 287 38.89 -3.64 -8.00
C GLU A 287 37.95 -3.34 -6.86
N VAL A 288 38.50 -3.35 -5.64
CA VAL A 288 37.76 -2.83 -4.47
C VAL A 288 37.18 -1.43 -4.77
N PRO A 289 35.86 -1.31 -4.70
CA PRO A 289 35.23 -0.02 -4.98
C PRO A 289 35.57 1.05 -3.95
N THR A 290 35.59 2.29 -4.41
CA THR A 290 35.88 3.44 -3.57
C THR A 290 34.67 4.32 -3.55
N ALA A 291 34.36 4.84 -2.38
CA ALA A 291 33.25 5.78 -2.23
C ALA A 291 33.79 7.19 -2.07
N THR A 292 33.24 8.14 -2.80
CA THR A 292 33.54 9.56 -2.61
C THR A 292 32.25 10.40 -2.73
N TRP A 293 32.37 11.69 -2.45
CA TRP A 293 31.25 12.65 -2.56
C TRP A 293 31.57 13.76 -3.57
N ASN A 294 30.64 14.01 -4.48
CA ASN A 294 30.76 15.06 -5.48
C ASN A 294 29.85 16.22 -5.12
N MET A 295 30.36 17.44 -5.21
CA MET A 295 29.58 18.62 -4.94
C MET A 295 28.52 18.79 -6.04
N VAL A 296 27.26 18.91 -5.65
CA VAL A 296 26.16 19.16 -6.59
C VAL A 296 25.92 20.66 -6.69
N GLY A 297 26.00 21.34 -5.54
CA GLY A 297 25.72 22.75 -5.46
C GLY A 297 25.93 23.29 -4.06
N CYS A 298 26.19 24.58 -3.97
CA CYS A 298 26.29 25.28 -2.69
C CYS A 298 25.51 26.59 -2.71
N ASP A 299 24.95 26.96 -1.57
CA ASP A 299 24.31 28.26 -1.37
C ASP A 299 24.80 28.81 -0.01
N GLN A 300 25.53 29.91 -0.05
CA GLN A 300 26.18 30.43 1.16
C GLN A 300 25.27 31.27 2.02
N ASN A 301 24.02 31.46 1.60
CA ASN A 301 23.08 32.22 2.41
C ASN A 301 21.61 31.76 2.35
N GLY A 302 21.40 30.51 1.95
CA GLY A 302 20.09 29.86 2.04
C GLY A 302 20.17 28.38 1.70
N LYS A 303 19.03 27.75 1.45
CA LYS A 303 18.99 26.34 1.06
C LYS A 303 19.47 26.09 -0.36
N VAL A 304 20.16 24.97 -0.55
CA VAL A 304 20.51 24.51 -1.89
C VAL A 304 19.48 23.49 -2.39
N SER A 305 19.04 23.64 -3.63
CA SER A 305 18.16 22.70 -4.27
C SER A 305 18.78 22.36 -5.64
N GLN A 306 18.55 21.15 -6.13
CA GLN A 306 19.02 20.78 -7.46
C GLN A 306 18.35 19.49 -7.91
N GLN A 307 18.32 19.25 -9.22
CA GLN A 307 17.86 17.97 -9.74
C GLN A 307 18.97 16.95 -9.55
N ILE A 308 18.57 15.78 -9.08
CA ILE A 308 19.47 14.67 -8.81
C ILE A 308 18.97 13.43 -9.51
N SER A 309 19.88 12.75 -10.19
CA SER A 309 19.58 11.55 -10.94
C SER A 309 20.43 10.39 -10.47
N ASN A 310 19.89 9.18 -10.64
CA ASN A 310 20.68 7.97 -10.46
C ASN A 310 21.33 7.65 -11.80
N THR A 311 22.65 7.83 -11.89
CA THR A 311 23.36 7.54 -13.13
C THR A 311 24.44 6.49 -12.99
N ILE A 312 24.64 5.75 -14.06
CA ILE A 312 25.69 4.76 -14.15
C ILE A 312 26.48 5.03 -15.42
N SER A 313 27.79 5.12 -15.28
CA SER A 313 28.67 5.32 -16.43
C SER A 313 29.51 4.07 -16.58
N PHE A 314 29.49 3.47 -17.76
CA PHE A 314 30.24 2.25 -18.00
C PHE A 314 30.35 2.03 -19.49
N SER A 315 31.54 1.66 -19.96
CA SER A 315 31.78 1.56 -21.40
C SER A 315 30.88 0.54 -22.11
N SER A 316 30.50 -0.53 -21.41
CA SER A 316 29.60 -1.54 -21.97
C SER A 316 28.23 -1.56 -21.29
N THR A 317 27.37 -2.44 -21.80
CA THR A 317 26.02 -2.63 -21.28
C THR A 317 26.11 -3.19 -19.88
N VAL A 318 25.42 -2.55 -18.94
CA VAL A 318 25.26 -3.12 -17.62
C VAL A 318 24.13 -4.15 -17.72
N THR A 319 24.48 -5.37 -18.09
CA THR A 319 23.54 -6.49 -18.15
C THR A 319 23.14 -6.93 -16.74
N ALA A 320 22.17 -7.83 -16.65
CA ALA A 320 21.78 -8.41 -15.38
C ALA A 320 22.99 -9.08 -14.72
N GLY A 321 23.86 -9.67 -15.54
CA GLY A 321 25.06 -10.35 -15.06
C GLY A 321 26.10 -9.39 -14.52
N VAL A 322 26.40 -8.31 -15.23
CA VAL A 322 27.29 -7.27 -14.71
C VAL A 322 26.77 -6.75 -13.38
N ALA A 323 25.46 -6.57 -13.27
CA ALA A 323 24.84 -5.97 -12.08
C ALA A 323 25.11 -6.90 -10.88
N VAL A 324 24.92 -8.20 -11.08
CA VAL A 324 25.15 -9.17 -10.00
C VAL A 324 26.62 -9.20 -9.61
N GLU A 325 27.51 -9.14 -10.59
CA GLU A 325 28.94 -9.11 -10.31
C GLU A 325 29.36 -7.85 -9.51
N VAL A 326 28.84 -6.70 -9.89
CA VAL A 326 29.14 -5.46 -9.19
C VAL A 326 28.55 -5.45 -7.78
N SER A 327 27.34 -5.97 -7.62
CA SER A 327 26.72 -6.07 -6.30
C SER A 327 27.62 -6.92 -5.41
N SER A 328 28.11 -8.03 -5.95
CA SER A 328 28.95 -8.96 -5.18
C SER A 328 30.26 -8.30 -4.76
N THR A 329 30.85 -7.57 -5.69
CA THR A 329 32.10 -6.87 -5.43
C THR A 329 31.95 -5.82 -4.33
N ILE A 330 30.92 -4.99 -4.44
CA ILE A 330 30.61 -3.97 -3.43
C ILE A 330 30.46 -4.64 -2.06
N GLU A 331 29.70 -5.74 -2.01
CA GLU A 331 29.39 -6.31 -0.71
C GLU A 331 30.64 -6.85 -0.01
N LYS A 332 31.63 -7.24 -0.80
CA LYS A 332 32.87 -7.80 -0.27
C LYS A 332 33.73 -6.77 0.49
N GLY A 333 33.63 -5.50 0.12
CA GLY A 333 34.36 -4.43 0.79
C GLY A 333 34.40 -3.17 -0.04
N VAL A 334 34.34 -2.01 0.61
CA VAL A 334 34.43 -0.71 -0.03
C VAL A 334 35.38 0.16 0.78
N ILE A 335 36.08 1.06 0.11
CA ILE A 335 36.99 1.98 0.78
C ILE A 335 36.36 3.35 0.78
N PHE A 336 36.33 3.99 1.95
CA PHE A 336 35.94 5.38 2.09
C PHE A 336 36.99 6.05 2.97
N ALA A 337 37.59 7.14 2.48
CA ALA A 337 38.53 7.91 3.27
C ALA A 337 39.67 7.02 3.77
N LYS A 338 40.15 6.15 2.87
CA LYS A 338 41.27 5.24 3.08
C LYS A 338 41.01 4.08 4.05
N ALA A 339 39.75 3.88 4.41
CA ALA A 339 39.41 2.86 5.38
C ALA A 339 38.24 2.01 4.93
N THR A 340 38.13 0.82 5.48
CA THR A 340 37.02 -0.06 5.17
C THR A 340 35.78 0.48 5.86
N VAL A 341 34.62 0.06 5.40
CA VAL A 341 33.39 0.43 6.05
C VAL A 341 32.79 -0.81 6.66
N SER A 342 31.77 -0.62 7.49
CA SER A 342 31.12 -1.71 8.19
C SER A 342 30.31 -2.59 7.27
N VAL A 343 29.93 -3.76 7.79
CA VAL A 343 29.17 -4.73 7.03
C VAL A 343 27.84 -4.14 6.64
N LYS A 344 27.22 -3.35 7.50
CA LYS A 344 25.92 -2.80 7.11
C LYS A 344 26.04 -1.82 5.96
N VAL A 345 27.15 -1.07 5.89
CA VAL A 345 27.35 -0.11 4.78
C VAL A 345 27.51 -0.87 3.46
N THR A 346 28.37 -1.89 3.43
CA THR A 346 28.52 -2.67 2.20
C THR A 346 27.28 -3.48 1.81
N ALA A 347 26.60 -4.08 2.78
CA ALA A 347 25.36 -4.80 2.52
C ALA A 347 24.33 -3.84 1.92
N SER A 348 24.18 -2.68 2.53
CA SER A 348 23.20 -1.70 2.08
C SER A 348 23.57 -1.12 0.71
N LEU A 349 24.85 -0.80 0.50
CA LEU A 349 25.29 -0.28 -0.81
C LEU A 349 25.03 -1.27 -1.93
N SER A 350 25.27 -2.55 -1.66
CA SER A 350 25.11 -3.58 -2.68
C SER A 350 23.63 -3.72 -3.03
N LYS A 351 22.77 -3.60 -2.02
CA LYS A 351 21.32 -3.64 -2.21
C LYS A 351 20.85 -2.43 -2.97
N ALA A 352 21.37 -1.26 -2.63
CA ALA A 352 20.99 -0.04 -3.34
C ALA A 352 21.38 -0.13 -4.81
N TRP A 353 22.57 -0.69 -5.08
CA TRP A 353 23.02 -0.87 -6.46
C TRP A 353 22.04 -1.78 -7.22
N THR A 354 21.69 -2.91 -6.63
CA THR A 354 20.75 -3.85 -7.23
C THR A 354 19.39 -3.18 -7.53
N ASN A 355 18.99 -2.29 -6.62
CA ASN A 355 17.72 -1.57 -6.74
C ASN A 355 17.84 -0.22 -7.47
N SER A 356 18.98 0.00 -8.16
CA SER A 356 19.23 1.21 -8.95
C SER A 356 19.37 0.93 -10.47
N GLN A 357 18.81 -0.19 -10.91
CA GLN A 357 18.91 -0.62 -12.30
C GLN A 357 17.62 -0.35 -13.09
N SER A 358 16.78 0.56 -12.59
CA SER A 358 15.47 0.88 -13.15
C SER A 358 15.42 2.29 -13.78
N GLY A 359 16.57 2.94 -13.88
CA GLY A 359 16.68 4.20 -14.59
C GLY A 359 17.06 5.35 -13.68
N THR A 360 16.99 6.56 -14.24
CA THR A 360 17.45 7.77 -13.55
C THR A 360 16.50 8.25 -12.43
N THR A 361 15.20 7.93 -12.56
CA THR A 361 14.17 8.34 -11.61
C THR A 361 14.46 9.75 -11.02
N ALA A 362 14.78 10.70 -11.90
CA ALA A 362 15.20 12.04 -11.47
C ALA A 362 14.19 12.66 -10.51
N ILE A 363 14.70 13.36 -9.52
CA ILE A 363 13.88 14.15 -8.60
C ILE A 363 14.53 15.48 -8.34
N THR A 364 13.74 16.44 -7.90
CA THR A 364 14.24 17.67 -7.33
C THR A 364 14.43 17.42 -5.84
N TYR A 365 15.63 17.71 -5.34
CA TYR A 365 15.92 17.57 -3.92
C TYR A 365 16.37 18.90 -3.31
N THR A 366 15.86 19.20 -2.13
CA THR A 366 16.22 20.43 -1.41
C THR A 366 16.86 20.06 -0.09
N CYS A 367 17.99 20.70 0.23
CA CYS A 367 18.60 20.57 1.56
C CYS A 367 17.81 21.41 2.55
N ASP A 368 16.89 20.79 3.27
CA ASP A 368 16.15 21.44 4.37
C ASP A 368 16.86 21.31 5.71
N ASN A 369 17.64 20.26 5.86
CA ASN A 369 18.40 20.01 7.09
C ASN A 369 19.79 19.53 6.74
N TYR A 370 20.76 19.92 7.57
CA TYR A 370 22.07 19.28 7.56
C TYR A 370 21.84 17.82 7.87
N ASP A 371 22.76 17.00 7.38
CA ASP A 371 22.76 15.57 7.59
C ASP A 371 22.74 15.22 9.09
N SER A 372 23.33 16.10 9.91
CA SER A 372 23.36 15.94 11.38
C SER A 372 22.03 16.29 12.09
N ASP A 373 21.13 16.97 11.37
CA ASP A 373 19.69 17.17 11.69
C ASP A 373 19.24 18.63 11.77
N GLU A 374 20.15 19.55 12.05
CA GLU A 374 19.80 20.96 12.29
C GLU A 374 19.27 21.58 11.00
N GLU A 375 18.52 22.66 11.13
CA GLU A 375 17.95 23.33 9.97
C GLU A 375 19.05 23.85 9.03
N PHE A 376 18.91 23.61 7.74
CA PHE A 376 19.93 24.03 6.76
C PHE A 376 19.74 25.51 6.41
N THR A 377 20.72 26.35 6.76
CA THR A 377 20.65 27.80 6.48
C THR A 377 21.66 28.24 5.41
N ARG A 378 22.54 27.32 5.02
CA ARG A 378 23.65 27.58 4.11
C ARG A 378 24.57 26.35 4.07
N GLY A 379 25.18 26.12 2.92
CA GLY A 379 26.09 25.01 2.75
C GLY A 379 26.06 24.39 1.37
N CYS A 380 26.43 23.11 1.31
CA CYS A 380 26.55 22.39 0.07
C CYS A 380 25.81 21.07 0.11
N MET A 381 25.35 20.66 -1.06
CA MET A 381 24.75 19.36 -1.31
C MET A 381 25.76 18.49 -2.02
N TRP A 382 25.89 17.23 -1.57
CA TRP A 382 26.89 16.28 -2.05
C TRP A 382 26.21 15.00 -2.49
N GLN A 383 26.63 14.46 -3.62
CA GLN A 383 26.10 13.20 -4.16
C GLN A 383 27.17 12.13 -4.17
N LEU A 384 26.77 10.92 -3.82
CA LEU A 384 27.65 9.79 -3.73
C LEU A 384 28.14 9.38 -5.12
N ALA A 385 29.39 8.92 -5.14
CA ALA A 385 30.00 8.28 -6.28
C ALA A 385 30.71 7.00 -5.79
N ILE A 386 30.42 5.89 -6.45
CA ILE A 386 31.08 4.61 -6.21
C ILE A 386 31.81 4.26 -7.49
N GLU A 387 33.10 3.98 -7.38
CA GLU A 387 33.88 3.71 -8.58
C GLU A 387 34.60 2.38 -8.43
N THR A 388 34.52 1.57 -9.47
CA THR A 388 35.27 0.32 -9.52
C THR A 388 35.69 0.06 -10.95
N THR A 389 36.67 -0.81 -11.13
CA THR A 389 37.21 -1.11 -12.45
C THR A 389 37.16 -2.62 -12.69
N GLU A 390 36.63 -3.04 -13.83
CA GLU A 390 36.74 -4.44 -14.21
C GLU A 390 38.16 -4.71 -14.70
N VAL A 391 38.87 -5.61 -14.03
CA VAL A 391 40.32 -5.75 -14.22
C VAL A 391 40.70 -6.32 -15.60
N LYS A 392 39.93 -7.29 -16.10
CA LYS A 392 40.29 -7.91 -17.39
C LYS A 392 40.18 -6.93 -18.57
N SER A 393 39.31 -5.93 -18.46
CA SER A 393 39.13 -4.93 -19.52
C SER A 393 39.69 -3.56 -19.18
N GLY A 394 39.96 -3.32 -17.89
CA GLY A 394 40.35 -2.02 -17.39
C GLY A 394 39.27 -0.95 -17.46
N ASP A 395 38.03 -1.34 -17.71
CA ASP A 395 36.91 -0.39 -17.86
C ASP A 395 36.42 0.10 -16.51
N LEU A 396 36.48 1.41 -16.30
CA LEU A 396 36.00 2.04 -15.06
C LEU A 396 34.47 2.11 -15.07
N LEU A 397 33.86 1.74 -13.95
CA LEU A 397 32.44 1.93 -13.73
C LEU A 397 32.25 2.99 -12.64
N VAL A 398 31.42 3.99 -12.91
CA VAL A 398 31.09 5.03 -11.93
C VAL A 398 29.59 5.04 -11.75
N TRP A 399 29.16 4.86 -10.51
CA TRP A 399 27.75 4.86 -10.14
C TRP A 399 27.49 6.05 -9.23
N ASN A 400 26.53 6.89 -9.61
CA ASN A 400 26.07 8.02 -8.82
C ASN A 400 24.60 7.82 -8.41
N PRO A 401 24.34 7.11 -7.31
CA PRO A 401 22.98 6.93 -6.83
C PRO A 401 22.43 8.25 -6.31
N GLN A 402 21.13 8.23 -6.04
CA GLN A 402 20.45 9.35 -5.43
C GLN A 402 20.60 9.23 -3.92
N ILE A 403 21.86 9.27 -3.48
CA ILE A 403 22.22 9.25 -2.09
C ILE A 403 23.01 10.53 -1.88
N VAL A 404 22.50 11.38 -0.99
CA VAL A 404 22.97 12.75 -0.82
C VAL A 404 23.28 13.03 0.64
N LYS A 405 24.21 13.97 0.86
CA LYS A 405 24.41 14.59 2.16
C LYS A 405 24.42 16.11 2.01
N CYS A 406 23.67 16.77 2.88
CA CYS A 406 23.69 18.21 3.02
C CYS A 406 24.56 18.58 4.20
N THR A 407 25.55 19.43 3.98
CA THR A 407 26.43 19.88 5.04
C THR A 407 26.65 21.38 4.99
N ARG A 408 27.27 21.90 6.05
CA ARG A 408 27.46 23.32 6.21
C ARG A 408 28.75 23.74 5.54
N SER A 409 29.47 22.76 5.00
CA SER A 409 30.82 22.96 4.57
C SER A 409 31.02 22.82 3.07
N ASN A 410 32.03 23.54 2.55
CA ASN A 410 32.55 23.30 1.20
C ASN A 410 33.51 22.12 1.09
N THR A 411 33.84 21.53 2.23
CA THR A 411 34.65 20.33 2.29
C THR A 411 33.72 19.12 2.23
N ALA A 412 34.14 18.11 1.47
CA ALA A 412 33.31 16.91 1.29
C ALA A 412 33.04 16.26 2.63
N PRO A 413 31.88 15.65 2.76
CA PRO A 413 31.55 14.92 3.98
C PRO A 413 32.62 13.95 4.40
N GLY A 414 32.89 13.89 5.69
CA GLY A 414 33.86 12.95 6.25
C GLY A 414 33.28 11.60 6.65
N CYS A 415 32.09 11.29 6.15
CA CYS A 415 31.32 10.12 6.54
C CYS A 415 30.86 9.34 5.33
N ALA A 416 30.95 8.01 5.44
CA ALA A 416 30.56 7.14 4.36
C ALA A 416 29.06 7.18 4.14
N PRO A 417 28.60 6.78 2.95
CA PRO A 417 27.17 6.56 2.76
C PRO A 417 26.71 5.52 3.76
N PHE A 418 25.43 5.60 4.15
CA PHE A 418 24.82 4.73 5.17
C PHE A 418 25.38 4.92 6.60
N THR A 419 26.08 6.04 6.81
CA THR A 419 26.47 6.49 8.14
C THR A 419 26.03 7.93 8.22
N LYS A 420 25.97 8.46 9.44
CA LYS A 420 25.38 9.76 9.71
C LYS A 420 26.43 10.77 10.12
N CYS A 421 26.37 11.95 9.51
CA CYS A 421 27.20 13.06 9.91
C CYS A 421 26.82 13.42 11.33
N ALA A 422 27.81 13.55 12.20
CA ALA A 422 27.58 13.86 13.60
C ALA A 422 27.43 15.34 13.88
N ASN A 423 27.94 16.19 12.99
CA ASN A 423 27.88 17.64 13.12
C ASN A 423 27.57 18.28 11.76
N GLU A 424 27.30 19.59 11.78
CA GLU A 424 26.85 20.28 10.58
C GLU A 424 27.86 20.23 9.44
N ASP A 425 29.14 20.43 9.77
CA ASP A 425 30.21 20.38 8.80
C ASP A 425 30.55 18.95 8.35
N CYS A 426 30.03 17.96 9.09
CA CYS A 426 30.23 16.53 8.82
C CYS A 426 31.69 16.10 8.87
N THR A 427 32.35 16.36 9.99
CA THR A 427 33.74 15.99 10.17
C THR A 427 33.94 14.69 10.92
N PHE A 428 32.89 14.19 11.57
CA PHE A 428 32.88 12.86 12.12
C PHE A 428 31.47 12.31 12.08
N CYS A 429 31.32 11.06 12.49
CA CYS A 429 30.17 10.26 12.13
C CYS A 429 29.57 9.48 13.30
N THR A 430 28.28 9.19 13.18
CA THR A 430 27.63 8.19 14.02
C THR A 430 26.96 7.17 13.13
N ASP A 431 26.28 6.22 13.74
CA ASP A 431 25.58 5.18 12.99
C ASP A 431 26.44 4.51 11.92
N ILE A 432 27.64 4.11 12.33
CA ILE A 432 28.62 3.64 11.37
C ILE A 432 28.39 2.15 11.04
N PCA B 1 -28.06 -3.45 17.70
CA PCA B 1 -27.04 -3.84 16.67
CB PCA B 1 -27.59 -3.60 15.26
CG PCA B 1 -29.05 -3.19 15.42
CD PCA B 1 -29.23 -3.04 16.91
OE PCA B 1 -30.26 -2.57 17.40
C PCA B 1 -25.73 -3.07 16.82
O PCA B 1 -25.78 -1.82 16.87
N VAL B 2 -24.60 -3.78 16.85
CA VAL B 2 -23.28 -3.12 16.93
C VAL B 2 -23.08 -2.23 15.70
N LEU B 3 -22.54 -2.74 14.60
CA LEU B 3 -22.53 -1.97 13.34
C LEU B 3 -23.92 -2.04 12.71
N CYS B 4 -24.19 -1.13 11.79
CA CYS B 4 -25.43 -1.18 11.04
C CYS B 4 -25.41 -2.33 10.04
N THR B 5 -26.17 -3.41 10.31
CA THR B 5 -26.14 -4.60 9.43
C THR B 5 -27.16 -4.47 8.34
N ASN B 6 -28.05 -3.49 8.46
CA ASN B 6 -29.11 -3.32 7.48
C ASN B 6 -29.13 -1.92 6.90
N PRO B 7 -28.04 -1.52 6.27
CA PRO B 7 -27.96 -0.17 5.73
C PRO B 7 -28.91 0.02 4.54
N LEU B 8 -29.36 1.24 4.36
CA LEU B 8 -30.19 1.64 3.21
C LEU B 8 -29.48 2.56 2.24
N ASP B 9 -28.46 3.28 2.68
CA ASP B 9 -27.72 4.16 1.80
C ASP B 9 -26.43 4.59 2.49
N ILE B 10 -25.38 4.83 1.70
CA ILE B 10 -24.12 5.36 2.18
C ILE B 10 -23.65 6.44 1.25
N GLY B 11 -23.40 7.61 1.79
CA GLY B 11 -22.90 8.71 1.00
C GLY B 11 -22.94 10.06 1.68
N GLU B 12 -22.61 11.09 0.92
CA GLU B 12 -22.70 12.44 1.45
C GLU B 12 -24.15 12.80 1.69
N LEU B 13 -24.42 13.39 2.85
CA LEU B 13 -25.74 13.92 3.14
C LEU B 13 -25.66 15.42 2.92
N ARG B 14 -26.36 15.91 1.91
CA ARG B 14 -26.30 17.30 1.50
C ARG B 14 -27.56 18.06 1.92
N SER B 15 -27.38 19.33 2.24
CA SER B 15 -28.49 20.27 2.37
C SER B 15 -29.07 20.57 0.99
N PHE B 16 -30.39 20.44 0.87
CA PHE B 16 -31.08 20.83 -0.35
C PHE B 16 -30.92 22.31 -0.61
N LYS B 17 -30.97 23.11 0.44
CA LYS B 17 -30.89 24.57 0.31
C LYS B 17 -29.52 25.06 -0.19
N SER B 18 -28.45 24.64 0.49
CA SER B 18 -27.11 25.17 0.25
C SER B 18 -26.21 24.25 -0.56
N LYS B 19 -26.58 22.97 -0.63
CA LYS B 19 -25.75 21.88 -1.18
C LYS B 19 -24.48 21.57 -0.38
N GLN B 20 -24.33 22.16 0.80
CA GLN B 20 -23.22 21.82 1.70
C GLN B 20 -23.42 20.43 2.29
N CYS B 21 -22.32 19.79 2.69
CA CYS B 21 -22.39 18.50 3.37
C CYS B 21 -22.68 18.63 4.85
N VAL B 22 -23.45 17.68 5.36
CA VAL B 22 -23.63 17.50 6.80
C VAL B 22 -22.33 16.88 7.32
N ASP B 23 -21.72 17.55 8.27
CA ASP B 23 -20.35 17.31 8.64
C ASP B 23 -20.24 17.11 10.15
N ILE B 24 -19.36 16.21 10.56
CA ILE B 24 -19.01 16.07 11.98
C ILE B 24 -17.65 16.75 12.15
N VAL B 25 -17.51 17.51 13.22
CA VAL B 25 -16.27 18.25 13.44
C VAL B 25 -15.05 17.32 13.35
N GLY B 26 -13.98 17.79 12.73
CA GLY B 26 -12.81 16.96 12.49
C GLY B 26 -13.10 15.79 11.57
N ASN B 27 -12.39 14.69 11.77
CA ASN B 27 -12.53 13.49 10.94
C ASN B 27 -12.73 12.17 11.71
N GLN B 28 -12.97 12.25 13.03
CA GLN B 28 -13.07 11.05 13.88
C GLN B 28 -14.48 10.47 13.97
N GLY B 29 -15.47 11.16 13.39
CA GLY B 29 -16.84 10.67 13.42
C GLY B 29 -17.57 10.88 14.73
N SER B 30 -16.98 11.68 15.62
CA SER B 30 -17.55 11.99 16.92
C SER B 30 -17.54 13.51 17.12
N GLY B 31 -18.64 14.04 17.66
CA GLY B 31 -18.71 15.45 18.01
C GLY B 31 -19.86 16.19 17.37
N ASN B 32 -19.77 17.52 17.38
CA ASN B 32 -20.86 18.35 16.88
C ASN B 32 -21.09 18.18 15.36
N ILE B 33 -22.33 18.37 14.94
CA ILE B 33 -22.70 18.25 13.53
C ILE B 33 -23.17 19.63 13.07
N ALA B 34 -22.66 20.02 11.91
CA ALA B 34 -23.02 21.28 11.26
C ALA B 34 -22.74 21.11 9.76
N THR B 35 -23.09 22.09 8.97
CA THR B 35 -22.73 22.09 7.56
C THR B 35 -21.26 22.43 7.36
N TYR B 36 -20.72 21.97 6.24
CA TYR B 36 -19.34 22.22 5.89
C TYR B 36 -19.13 21.90 4.42
N ASP B 37 -18.04 22.42 3.85
CA ASP B 37 -17.60 21.97 2.53
C ASP B 37 -17.47 20.47 2.55
N CYS B 38 -17.79 19.84 1.43
CA CYS B 38 -17.63 18.40 1.31
C CYS B 38 -16.17 18.10 1.10
N ASP B 39 -15.57 17.32 2.00
CA ASP B 39 -14.11 17.16 1.99
C ASP B 39 -13.60 15.76 1.69
N GLY B 40 -14.51 14.85 1.33
CA GLY B 40 -14.13 13.50 0.95
C GLY B 40 -13.69 12.59 2.08
N LEU B 41 -13.83 13.04 3.33
CA LEU B 41 -13.38 12.25 4.47
C LEU B 41 -14.50 11.31 4.90
N SER B 42 -14.12 10.24 5.60
CA SER B 42 -15.04 9.15 5.89
C SER B 42 -16.14 9.54 6.89
N ASP B 43 -15.91 10.56 7.68
CA ASP B 43 -16.95 11.03 8.60
C ASP B 43 -18.14 11.70 7.87
N GLN B 44 -17.89 12.20 6.66
CA GLN B 44 -18.95 12.76 5.81
C GLN B 44 -19.68 11.70 4.99
N GLN B 45 -19.23 10.45 5.10
CA GLN B 45 -19.93 9.33 4.49
C GLN B 45 -20.98 8.86 5.49
N ILE B 46 -22.19 9.40 5.32
CA ILE B 46 -23.28 9.12 6.23
C ILE B 46 -23.92 7.79 5.85
N ILE B 47 -24.23 6.99 6.87
CA ILE B 47 -24.93 5.73 6.71
C ILE B 47 -26.36 5.89 7.18
N ILE B 48 -27.29 5.72 6.25
CA ILE B 48 -28.72 5.70 6.56
C ILE B 48 -29.03 4.25 6.91
N CYS B 49 -29.21 3.97 8.19
CA CYS B 49 -29.41 2.61 8.66
C CYS B 49 -30.88 2.19 8.73
N GLY B 50 -31.13 0.92 8.43
CA GLY B 50 -32.49 0.42 8.33
C GLY B 50 -33.22 0.40 9.66
N ASP B 51 -32.46 0.44 10.76
CA ASP B 51 -33.03 0.54 12.12
C ASP B 51 -33.46 1.94 12.54
N GLY B 52 -33.33 2.90 11.63
CA GLY B 52 -33.74 4.26 11.86
C GLY B 52 -32.61 5.15 12.35
N THR B 53 -31.47 4.59 12.76
CA THR B 53 -30.33 5.42 13.12
C THR B 53 -29.64 5.99 11.88
N ILE B 54 -28.89 7.07 12.09
CA ILE B 54 -28.03 7.68 11.09
C ILE B 54 -26.61 7.66 11.66
N ARG B 55 -25.69 6.99 10.95
CA ARG B 55 -24.33 6.80 11.42
C ARG B 55 -23.36 7.33 10.39
N ASN B 56 -22.07 7.03 10.52
CA ASN B 56 -21.08 7.42 9.51
C ASN B 56 -19.94 6.42 9.46
N GLU B 57 -19.12 6.50 8.43
CA GLU B 57 -18.11 5.47 8.18
C GLU B 57 -16.85 5.64 9.02
N ALA B 58 -16.62 6.84 9.54
CA ALA B 58 -15.40 7.09 10.33
C ALA B 58 -15.51 6.39 11.68
N ARG B 59 -16.71 6.38 12.25
CA ARG B 59 -16.96 5.80 13.56
C ARG B 59 -18.42 5.37 13.68
N ASN B 60 -18.64 4.24 14.32
CA ASN B 60 -19.99 3.67 14.50
C ASN B 60 -20.81 4.42 15.57
N TYR B 61 -20.96 5.73 15.38
CA TYR B 61 -21.73 6.60 16.26
C TYR B 61 -23.00 7.06 15.54
N CYS B 62 -23.95 7.59 16.32
CA CYS B 62 -25.29 7.94 15.84
C CYS B 62 -25.58 9.44 15.96
N PHE B 63 -26.33 9.98 15.00
CA PHE B 63 -26.88 11.33 15.09
C PHE B 63 -27.83 11.34 16.29
N THR B 64 -27.62 12.28 17.20
CA THR B 64 -28.25 12.24 18.52
C THR B 64 -28.63 13.66 18.92
N PRO B 65 -29.90 13.93 19.23
CA PRO B 65 -30.27 15.22 19.81
C PRO B 65 -29.72 15.32 21.24
N ASP B 66 -29.11 16.46 21.55
CA ASP B 66 -28.53 16.74 22.84
C ASP B 66 -29.65 17.32 23.68
N GLY B 67 -30.49 16.45 24.23
CA GLY B 67 -31.64 16.85 25.05
C GLY B 67 -32.96 16.85 24.28
N SER B 68 -34.03 17.21 25.00
CA SER B 68 -35.38 17.25 24.43
C SER B 68 -35.77 18.67 23.94
N GLY B 69 -36.82 18.69 23.09
CA GLY B 69 -37.28 19.92 22.48
C GLY B 69 -36.39 20.31 21.31
N ASN B 70 -36.34 21.60 21.00
CA ASN B 70 -35.37 22.09 20.05
C ASN B 70 -34.02 21.92 20.73
N ALA B 71 -33.13 21.18 20.08
CA ALA B 71 -31.87 20.78 20.68
C ALA B 71 -30.77 20.69 19.62
N ASN B 72 -29.52 20.85 20.03
CA ASN B 72 -28.41 20.64 19.12
C ASN B 72 -28.34 19.16 18.74
N VAL B 73 -27.77 18.86 17.58
CA VAL B 73 -27.56 17.47 17.15
C VAL B 73 -26.05 17.22 17.01
N MET B 74 -25.60 16.07 17.51
CA MET B 74 -24.20 15.67 17.50
C MET B 74 -24.09 14.19 17.14
N SER B 75 -22.88 13.75 16.81
CA SER B 75 -22.57 12.33 16.65
C SER B 75 -22.08 11.75 17.97
N SER B 76 -22.84 10.81 18.52
CA SER B 76 -22.61 10.26 19.86
C SER B 76 -22.79 8.74 19.87
N PRO B 77 -22.20 8.04 20.84
CA PRO B 77 -22.37 6.59 20.93
C PRO B 77 -23.83 6.15 20.80
N CYS B 78 -24.07 5.13 19.98
CA CYS B 78 -25.40 4.56 19.83
C CYS B 78 -25.70 3.78 21.10
N THR B 79 -26.72 4.20 21.84
CA THR B 79 -27.13 3.46 23.02
C THR B 79 -27.93 2.25 22.53
N LEU B 80 -27.44 1.06 22.89
CA LEU B 80 -27.85 -0.20 22.27
C LEU B 80 -28.77 -1.08 23.14
N TYR B 81 -28.92 -0.77 24.42
CA TYR B 81 -29.76 -1.57 25.32
C TYR B 81 -30.60 -0.74 26.32
N PRO B 82 -31.82 -1.20 26.66
CA PRO B 82 -32.38 -2.48 26.18
C PRO B 82 -32.86 -2.43 24.71
N GLU B 83 -33.01 -1.22 24.17
CA GLU B 83 -33.23 -1.03 22.75
C GLU B 83 -32.54 0.25 22.27
N ILE B 84 -32.67 0.55 20.96
CA ILE B 84 -32.26 1.85 20.46
C ILE B 84 -33.43 2.77 20.79
N PRO B 85 -33.16 3.86 21.50
CA PRO B 85 -34.23 4.77 21.89
C PRO B 85 -34.73 5.52 20.67
N SER B 86 -35.99 5.94 20.70
CA SER B 86 -36.57 6.66 19.58
C SER B 86 -35.87 8.00 19.31
N SER B 87 -35.14 8.51 20.31
CA SER B 87 -34.40 9.77 20.18
C SER B 87 -33.22 9.66 19.22
N GLN B 88 -32.69 8.45 19.03
CA GLN B 88 -31.60 8.22 18.05
C GLN B 88 -32.13 7.61 16.75
N ARG B 89 -33.43 7.65 16.56
CA ARG B 89 -34.07 7.09 15.37
C ARG B 89 -34.78 8.19 14.58
N TRP B 90 -34.75 8.04 13.26
CA TRP B 90 -35.25 9.08 12.37
C TRP B 90 -36.07 8.45 11.24
N ARG B 91 -36.97 9.23 10.67
CA ARG B 91 -37.71 8.78 9.50
C ARG B 91 -37.73 9.87 8.45
N GLN B 92 -37.97 9.45 7.21
CA GLN B 92 -38.20 10.38 6.12
C GLN B 92 -39.58 10.99 6.22
N GLY B 93 -39.64 12.28 5.95
CA GLY B 93 -40.90 12.99 5.83
C GLY B 93 -41.25 13.21 4.39
N ARG B 94 -41.64 14.45 4.08
CA ARG B 94 -42.02 14.86 2.74
C ARG B 94 -40.82 14.90 1.83
N ARG B 95 -41.07 14.79 0.53
CA ARG B 95 -40.00 14.67 -0.45
C ARG B 95 -40.01 15.81 -1.47
N LYS B 96 -38.82 16.08 -1.98
CA LYS B 96 -38.59 16.98 -3.10
C LYS B 96 -37.63 16.30 -4.06
N THR B 97 -38.00 16.15 -5.32
CA THR B 97 -37.06 15.70 -6.34
C THR B 97 -36.64 16.91 -7.17
N PHE B 98 -35.39 16.89 -7.63
CA PHE B 98 -34.80 18.00 -8.38
C PHE B 98 -33.62 17.49 -9.16
N THR B 99 -33.25 18.23 -10.19
CA THR B 99 -32.08 17.92 -11.01
C THR B 99 -30.99 18.87 -10.59
N ASP B 100 -29.86 18.33 -10.17
CA ASP B 100 -28.78 19.18 -9.68
C ASP B 100 -27.97 19.76 -10.83
N ASN B 101 -26.92 20.53 -10.52
CA ASN B 101 -26.12 21.20 -11.55
C ASN B 101 -25.26 20.23 -12.38
N GLY B 102 -25.03 19.01 -11.88
CA GLY B 102 -24.42 17.93 -12.65
C GLY B 102 -25.36 17.15 -13.54
N GLY B 103 -26.65 17.50 -13.51
CA GLY B 103 -27.64 16.81 -14.31
C GLY B 103 -28.27 15.59 -13.66
N ILE B 104 -28.03 15.40 -12.37
CA ILE B 104 -28.47 14.18 -11.68
C ILE B 104 -29.77 14.39 -10.96
N GLU B 105 -30.68 13.44 -11.08
CA GLU B 105 -31.93 13.45 -10.34
C GLU B 105 -31.66 13.03 -8.92
N GLN B 106 -31.90 13.95 -7.99
CA GLN B 106 -31.74 13.70 -6.56
C GLN B 106 -33.09 13.66 -5.87
N VAL B 107 -33.14 13.02 -4.71
CA VAL B 107 -34.35 13.00 -3.89
C VAL B 107 -34.00 13.52 -2.50
N ALA B 108 -34.58 14.65 -2.12
CA ALA B 108 -34.43 15.20 -0.77
C ALA B 108 -35.67 14.91 0.07
N THR B 109 -35.47 14.66 1.36
CA THR B 109 -36.61 14.55 2.29
C THR B 109 -36.34 15.28 3.59
N GLU B 110 -37.41 15.54 4.33
CA GLU B 110 -37.27 15.90 5.72
C GLU B 110 -36.69 14.70 6.43
N ILE B 111 -35.97 14.95 7.51
CA ILE B 111 -35.47 13.89 8.36
C ILE B 111 -36.01 14.19 9.76
N ILE B 112 -36.93 13.36 10.22
CA ILE B 112 -37.75 13.65 11.40
C ILE B 112 -37.39 12.72 12.55
N ASN B 113 -37.14 13.30 13.73
CA ASN B 113 -36.80 12.49 14.90
C ASN B 113 -38.05 11.75 15.41
N LEU B 114 -37.90 10.46 15.72
CA LEU B 114 -39.04 9.64 16.14
C LEU B 114 -39.52 10.00 17.54
N ALA B 115 -38.62 10.41 18.43
CA ALA B 115 -39.02 10.75 19.80
C ALA B 115 -39.83 12.06 19.85
N SER B 116 -39.34 13.09 19.16
CA SER B 116 -39.87 14.45 19.28
C SER B 116 -40.78 14.87 18.14
N GLY B 117 -40.58 14.28 16.95
CA GLY B 117 -41.31 14.69 15.76
C GLY B 117 -40.79 15.95 15.10
N LYS B 118 -39.63 16.43 15.57
CA LYS B 118 -39.01 17.62 15.08
C LYS B 118 -38.11 17.26 13.91
N CYS B 119 -37.87 18.24 13.04
CA CYS B 119 -37.04 18.10 11.84
C CYS B 119 -35.57 18.41 12.08
N LEU B 120 -34.70 17.63 11.45
CA LEU B 120 -33.29 17.98 11.36
C LEU B 120 -33.25 19.30 10.63
N ASP B 121 -32.42 20.20 11.14
CA ASP B 121 -32.56 21.61 10.84
C ASP B 121 -31.21 22.29 10.82
N ILE B 122 -31.07 23.29 9.95
CA ILE B 122 -29.89 24.11 9.92
C ILE B 122 -30.32 25.46 10.48
N GLU B 123 -29.51 26.03 11.36
CA GLU B 123 -29.79 27.35 11.91
C GLU B 123 -30.02 28.34 10.76
N GLY B 124 -31.08 29.14 10.93
CA GLY B 124 -31.48 30.11 9.93
C GLY B 124 -32.25 29.46 8.80
N SER B 125 -32.08 30.05 7.61
CA SER B 125 -32.79 29.65 6.40
C SER B 125 -31.87 29.48 5.19
N ASP B 126 -30.60 29.89 5.29
CA ASP B 126 -29.68 29.85 4.14
C ASP B 126 -28.93 28.52 3.93
N GLY B 127 -29.23 27.52 4.77
CA GLY B 127 -28.62 26.20 4.63
C GLY B 127 -27.17 26.07 5.05
N THR B 128 -26.67 27.04 5.82
CA THR B 128 -25.30 26.98 6.33
C THR B 128 -25.32 27.23 7.85
N GLY B 129 -24.56 26.43 8.58
CA GLY B 129 -24.41 26.59 10.02
C GLY B 129 -24.71 25.37 10.82
N ASP B 130 -24.84 25.59 12.13
CA ASP B 130 -25.16 24.55 13.11
C ASP B 130 -26.39 23.73 12.77
N ILE B 131 -26.29 22.43 13.01
CA ILE B 131 -27.42 21.53 12.83
C ILE B 131 -27.97 21.04 14.17
N GLY B 132 -29.29 21.14 14.31
CA GLY B 132 -30.01 20.56 15.43
C GLY B 132 -31.34 20.01 14.96
N VAL B 133 -32.30 19.96 15.88
CA VAL B 133 -33.69 19.66 15.53
C VAL B 133 -34.59 20.84 15.92
N TYR B 134 -35.65 21.04 15.14
CA TYR B 134 -36.52 22.19 15.26
C TYR B 134 -37.91 21.84 14.71
N ASP B 135 -38.90 22.66 15.03
CA ASP B 135 -40.24 22.47 14.48
C ASP B 135 -40.12 22.35 12.94
N CYS B 136 -40.84 21.41 12.34
CA CYS B 136 -40.84 21.28 10.88
C CYS B 136 -41.60 22.47 10.30
N GLN B 137 -41.00 23.21 9.38
CA GLN B 137 -41.67 24.40 8.83
C GLN B 137 -41.63 24.53 7.31
N ASN B 138 -41.45 23.38 6.62
CA ASN B 138 -41.53 23.30 5.16
C ASN B 138 -40.41 23.95 4.37
N LEU B 139 -39.44 24.58 5.01
CA LEU B 139 -38.47 25.37 4.28
C LEU B 139 -37.41 24.45 3.69
N ASP B 140 -36.73 24.94 2.66
CA ASP B 140 -35.77 24.15 1.88
C ASP B 140 -34.62 23.63 2.75
N ASP B 141 -34.23 24.41 3.75
CA ASP B 141 -33.10 24.02 4.60
C ASP B 141 -33.37 22.85 5.55
N GLN B 142 -34.63 22.36 5.60
CA GLN B 142 -34.95 21.15 6.35
C GLN B 142 -35.08 19.92 5.44
N TYR B 143 -34.63 20.05 4.19
CA TYR B 143 -34.61 18.94 3.24
C TYR B 143 -33.18 18.54 3.00
N PHE B 144 -32.95 17.23 3.02
CA PHE B 144 -31.62 16.66 2.83
C PHE B 144 -31.67 15.52 1.84
N TYR B 145 -30.64 15.40 1.02
CA TYR B 145 -30.53 14.28 0.09
C TYR B 145 -29.18 13.61 0.24
N VAL B 146 -29.16 12.31 0.05
CA VAL B 146 -27.91 11.58 -0.11
C VAL B 146 -27.45 11.73 -1.54
N ARG B 147 -26.27 12.33 -1.75
CA ARG B 147 -25.82 12.68 -3.09
C ARG B 147 -25.55 11.45 -3.96
N SER B 148 -26.27 11.39 -5.05
CA SER B 148 -25.96 10.49 -6.14
C SER B 148 -25.06 11.16 -7.17
N ARG B 149 -24.05 10.42 -7.64
CA ARG B 149 -23.23 10.83 -8.81
C ARG B 149 -23.86 10.42 -10.12
N GLY B 150 -24.98 9.71 -10.06
CA GLY B 150 -25.51 9.05 -11.23
C GLY B 150 -24.68 7.82 -11.51
N PRO B 151 -25.03 7.11 -12.57
CA PRO B 151 -24.31 5.89 -12.94
C PRO B 151 -22.81 6.15 -13.16
N GLU B 152 -22.02 5.14 -12.81
CA GLU B 152 -20.63 5.11 -13.20
C GLU B 152 -20.60 4.72 -14.69
N LEU B 153 -20.00 5.56 -15.52
CA LEU B 153 -19.98 5.38 -16.97
C LEU B 153 -18.80 4.52 -17.40
N PHE B 154 -17.62 4.86 -16.85
CA PHE B 154 -16.35 4.24 -17.22
C PHE B 154 -15.40 4.31 -16.04
N TYR B 155 -14.32 3.54 -16.16
CA TYR B 155 -13.32 3.48 -15.10
C TYR B 155 -12.09 2.79 -15.61
N GLY B 156 -11.00 2.97 -14.85
CA GLY B 156 -9.71 2.37 -15.18
C GLY B 156 -8.61 3.40 -15.17
N ARG B 157 -7.44 3.01 -15.64
CA ARG B 157 -6.39 3.97 -15.95
C ARG B 157 -6.74 4.63 -17.27
N LEU B 158 -6.15 5.79 -17.53
CA LEU B 158 -6.37 6.52 -18.76
C LEU B 158 -5.06 6.61 -19.55
N ARG B 159 -4.99 5.82 -20.62
CA ARG B 159 -3.77 5.61 -21.38
C ARG B 159 -3.82 6.40 -22.68
N ASN B 160 -2.79 7.20 -22.89
CA ASN B 160 -2.76 8.17 -23.95
C ASN B 160 -2.49 7.48 -25.29
N GLU B 161 -3.21 7.86 -26.32
CA GLU B 161 -3.11 7.18 -27.61
C GLU B 161 -1.73 7.42 -28.25
N LYS B 162 -1.18 8.61 -28.07
CA LYS B 162 0.13 8.96 -28.66
C LYS B 162 1.30 8.25 -27.98
N SER B 163 1.34 8.28 -26.64
CA SER B 163 2.55 7.90 -25.89
C SER B 163 2.50 6.54 -25.17
N ASP B 164 1.31 5.98 -25.04
CA ASP B 164 1.06 4.80 -24.19
C ASP B 164 1.35 5.03 -22.72
N LEU B 165 1.51 6.29 -22.29
CA LEU B 165 1.66 6.60 -20.88
C LEU B 165 0.28 6.81 -20.26
N CYS B 166 0.20 6.81 -18.95
CA CYS B 166 -1.06 6.98 -18.23
C CYS B 166 -1.13 8.30 -17.47
N LEU B 167 -2.33 8.79 -17.26
CA LEU B 167 -2.50 9.93 -16.36
C LEU B 167 -2.07 9.48 -14.99
N ASP B 168 -1.35 10.36 -14.30
CA ASP B 168 -0.80 10.09 -12.99
C ASP B 168 -0.86 11.40 -12.23
N VAL B 169 -0.90 11.32 -10.91
CA VAL B 169 -0.92 12.49 -10.05
C VAL B 169 0.42 12.57 -9.34
N GLU B 170 0.98 13.77 -9.20
CA GLU B 170 2.28 13.91 -8.57
C GLU B 170 2.21 13.26 -7.21
N GLY B 171 3.23 12.48 -6.89
CA GLY B 171 3.27 11.73 -5.66
C GLY B 171 2.39 10.49 -5.74
N SER B 172 1.93 10.02 -4.58
CA SER B 172 1.11 8.81 -4.48
C SER B 172 -0.23 9.00 -3.76
N ASP B 173 -0.50 10.17 -3.18
CA ASP B 173 -1.70 10.35 -2.33
C ASP B 173 -2.95 10.75 -3.12
N GLY B 174 -2.80 10.84 -4.44
CA GLY B 174 -3.88 11.18 -5.33
C GLY B 174 -4.27 12.64 -5.32
N LYS B 175 -3.40 13.51 -4.79
CA LYS B 175 -3.68 14.94 -4.73
C LYS B 175 -2.61 15.71 -5.45
N GLY B 176 -3.04 16.67 -6.26
CA GLY B 176 -2.10 17.61 -6.83
C GLY B 176 -2.00 17.55 -8.33
N ASN B 177 -0.87 17.99 -8.86
CA ASN B 177 -0.73 18.12 -10.30
C ASN B 177 -0.86 16.79 -11.04
N VAL B 178 -1.51 16.84 -12.20
CA VAL B 178 -1.67 15.69 -13.06
C VAL B 178 -0.70 15.80 -14.24
N LEU B 179 -0.03 14.70 -14.52
CA LEU B 179 0.96 14.63 -15.58
C LEU B 179 1.00 13.21 -16.13
N MET B 180 1.75 13.01 -17.22
CA MET B 180 1.85 11.69 -17.82
C MET B 180 3.00 10.94 -17.18
N TYR B 181 2.81 9.64 -16.98
CA TYR B 181 3.81 8.73 -16.40
C TYR B 181 3.58 7.32 -16.93
N SER B 182 4.61 6.47 -16.88
CA SER B 182 4.43 5.07 -17.29
C SER B 182 3.31 4.42 -16.49
N CYS B 183 2.54 3.58 -17.17
CA CYS B 183 1.40 2.91 -16.56
C CYS B 183 1.91 1.89 -15.56
N GLU B 184 1.44 2.00 -14.33
CA GLU B 184 1.91 1.18 -13.22
C GLU B 184 0.73 0.79 -12.33
N ASP B 185 0.98 -0.12 -11.40
CA ASP B 185 -0.04 -0.59 -10.47
C ASP B 185 -0.10 0.30 -9.23
N ASN B 186 -0.40 1.58 -9.47
CA ASN B 186 -0.58 2.58 -8.43
C ASN B 186 -2.05 3.00 -8.45
N LEU B 187 -2.69 3.03 -7.29
CA LEU B 187 -4.08 3.42 -7.20
C LEU B 187 -4.29 4.86 -7.67
N ASP B 188 -3.28 5.72 -7.56
CA ASP B 188 -3.49 7.10 -8.00
C ASP B 188 -3.56 7.27 -9.52
N GLN B 189 -3.37 6.19 -10.28
CA GLN B 189 -3.61 6.21 -11.72
C GLN B 189 -5.02 5.73 -12.10
N TRP B 190 -5.79 5.25 -11.14
CA TRP B 190 -7.15 4.77 -11.41
C TRP B 190 -8.20 5.86 -11.24
N PHE B 191 -9.08 6.00 -12.21
CA PHE B 191 -10.15 6.98 -12.16
C PHE B 191 -11.50 6.34 -12.38
N ARG B 192 -12.57 6.98 -11.89
CA ARG B 192 -13.92 6.55 -12.17
C ARG B 192 -14.70 7.76 -12.65
N TYR B 193 -15.46 7.57 -13.71
CA TYR B 193 -16.14 8.66 -14.42
C TYR B 193 -17.64 8.42 -14.34
N TYR B 194 -18.34 9.46 -13.92
CA TYR B 194 -19.76 9.39 -13.59
C TYR B 194 -20.61 10.27 -14.47
N GLU B 195 -21.90 9.95 -14.48
CA GLU B 195 -22.90 10.69 -15.23
C GLU B 195 -22.94 12.19 -14.87
N ASN B 196 -22.58 12.52 -13.64
CA ASN B 196 -22.53 13.93 -13.22
C ASN B 196 -21.39 14.72 -13.81
N GLY B 197 -20.49 14.03 -14.55
CA GLY B 197 -19.35 14.65 -15.19
C GLY B 197 -18.05 14.53 -14.41
N GLU B 198 -18.11 14.15 -13.13
CA GLU B 198 -16.87 14.06 -12.32
C GLU B 198 -16.01 12.87 -12.75
N ILE B 199 -14.69 13.09 -12.74
CA ILE B 199 -13.72 12.00 -12.90
C ILE B 199 -12.94 11.96 -11.58
N VAL B 200 -13.14 10.88 -10.84
CA VAL B 200 -12.74 10.80 -9.45
C VAL B 200 -11.55 9.86 -9.31
N ASN B 201 -10.49 10.36 -8.70
CA ASN B 201 -9.28 9.57 -8.49
C ASN B 201 -9.53 8.53 -7.39
N ALA B 202 -9.13 7.28 -7.64
CA ALA B 202 -9.34 6.20 -6.67
C ALA B 202 -8.60 6.34 -5.35
N LYS B 203 -7.42 6.95 -5.37
CA LYS B 203 -6.60 7.07 -4.16
C LYS B 203 -7.12 8.12 -3.19
N SER B 204 -7.44 9.30 -3.69
CA SER B 204 -7.78 10.45 -2.86
C SER B 204 -9.28 10.68 -2.75
N GLY B 205 -10.03 10.11 -3.67
CA GLY B 205 -11.42 10.44 -3.83
C GLY B 205 -11.70 11.87 -4.27
N MET B 206 -10.71 12.54 -4.83
CA MET B 206 -10.88 13.91 -5.27
C MET B 206 -10.98 13.94 -6.80
N CYS B 207 -11.23 15.13 -7.35
CA CYS B 207 -11.73 15.26 -8.71
C CYS B 207 -10.71 15.78 -9.68
N LEU B 208 -10.80 15.31 -10.93
CA LEU B 208 -9.99 15.86 -12.02
C LEU B 208 -10.47 17.27 -12.23
N ASP B 209 -9.57 18.22 -12.06
CA ASP B 209 -9.89 19.62 -11.86
C ASP B 209 -9.01 20.52 -12.72
N VAL B 210 -9.57 21.63 -13.17
CA VAL B 210 -8.77 22.66 -13.82
C VAL B 210 -8.56 23.80 -12.85
N GLU B 211 -7.36 24.37 -12.84
CA GLU B 211 -7.07 25.44 -11.91
C GLU B 211 -8.10 26.54 -12.08
N GLY B 212 -8.57 27.09 -10.97
CA GLY B 212 -9.62 28.09 -11.01
C GLY B 212 -10.95 27.51 -11.38
N SER B 213 -11.81 28.30 -12.03
CA SER B 213 -13.17 27.86 -12.37
C SER B 213 -13.57 27.98 -13.84
N ASP B 214 -12.74 28.62 -14.69
CA ASP B 214 -13.13 28.88 -16.09
C ASP B 214 -12.84 27.74 -17.06
N GLY B 215 -12.22 26.69 -16.57
CA GLY B 215 -11.99 25.48 -17.37
C GLY B 215 -10.77 25.51 -18.27
N SER B 216 -9.97 26.56 -18.16
CA SER B 216 -8.79 26.75 -19.01
C SER B 216 -7.54 26.75 -18.12
N GLY B 217 -6.63 25.82 -18.35
CA GLY B 217 -5.39 25.83 -17.61
C GLY B 217 -4.94 24.47 -17.11
N ASN B 218 -4.12 24.49 -16.07
CA ASN B 218 -3.52 23.29 -15.56
C ASN B 218 -4.51 22.35 -14.92
N VAL B 219 -4.30 21.05 -15.13
CA VAL B 219 -5.13 20.00 -14.58
C VAL B 219 -4.39 19.30 -13.45
N GLY B 220 -5.12 19.11 -12.37
CA GLY B 220 -4.67 18.36 -11.20
C GLY B 220 -5.85 17.68 -10.53
N ILE B 221 -5.57 16.99 -9.42
CA ILE B 221 -6.64 16.42 -8.60
C ILE B 221 -6.81 17.26 -7.33
N TYR B 222 -7.99 17.83 -7.16
CA TYR B 222 -8.31 18.67 -6.04
C TYR B 222 -9.72 18.39 -5.56
N ARG B 223 -10.05 18.92 -4.38
CA ARG B 223 -11.32 18.64 -3.75
C ARG B 223 -12.43 18.79 -4.75
N CYS B 224 -13.30 17.80 -4.81
CA CYS B 224 -14.53 17.89 -5.63
C CYS B 224 -15.36 19.06 -5.11
N ASP B 225 -15.62 20.04 -5.98
CA ASP B 225 -16.23 21.29 -5.54
C ASP B 225 -17.58 21.61 -6.24
N ASP B 226 -18.11 20.64 -6.97
CA ASP B 226 -19.41 20.74 -7.63
C ASP B 226 -19.49 21.71 -8.79
N LEU B 227 -18.34 22.27 -9.22
CA LEU B 227 -18.33 23.27 -10.26
C LEU B 227 -18.20 22.61 -11.62
N ARG B 228 -18.69 23.33 -12.61
CA ARG B 228 -18.71 22.85 -13.99
C ARG B 228 -17.33 22.61 -14.58
N ASP B 229 -16.29 23.28 -14.09
CA ASP B 229 -14.93 23.01 -14.58
C ASP B 229 -14.39 21.66 -14.09
N GLN B 230 -15.12 21.01 -13.20
CA GLN B 230 -14.79 19.63 -12.79
C GLN B 230 -15.72 18.62 -13.44
N MET B 231 -16.52 19.06 -14.41
CA MET B 231 -17.37 18.17 -15.18
C MET B 231 -16.79 17.98 -16.60
N TRP B 232 -16.83 16.75 -17.08
CA TRP B 232 -16.20 16.38 -18.33
C TRP B 232 -17.16 15.57 -19.19
N SER B 233 -17.13 15.82 -20.49
CA SER B 233 -17.87 15.04 -21.48
C SER B 233 -16.86 14.18 -22.28
N ARG B 234 -17.36 13.08 -22.83
CA ARG B 234 -16.55 12.13 -23.62
C ARG B 234 -17.35 11.81 -24.87
N PRO B 235 -17.50 12.80 -25.75
CA PRO B 235 -18.42 12.64 -26.88
C PRO B 235 -17.91 11.64 -27.92
N ASN B 236 -18.80 10.81 -28.44
CA ASN B 236 -18.43 9.87 -29.50
C ASN B 236 -17.64 10.52 -30.65
N ALA B 237 -18.05 11.72 -31.03
CA ALA B 237 -17.45 12.41 -32.15
C ALA B 237 -15.94 12.63 -32.02
N TYR B 238 -15.42 12.72 -30.80
CA TYR B 238 -13.99 12.96 -30.62
C TYR B 238 -13.22 11.68 -30.30
N CYS B 239 -13.85 10.51 -30.51
CA CYS B 239 -13.22 9.22 -30.28
C CYS B 239 -12.60 8.64 -31.54
N ASN B 240 -11.59 7.80 -31.32
CA ASN B 240 -10.98 6.94 -32.32
C ASN B 240 -11.04 5.52 -31.72
N GLY B 241 -12.14 4.82 -31.97
CA GLY B 241 -12.38 3.52 -31.32
C GLY B 241 -12.55 3.71 -29.81
N ASP B 242 -11.67 3.09 -29.02
CA ASP B 242 -11.75 3.18 -27.57
C ASP B 242 -10.88 4.30 -26.97
N TYR B 243 -10.14 5.01 -27.82
CA TYR B 243 -9.43 6.23 -27.41
C TYR B 243 -10.31 7.49 -27.62
N CYS B 244 -10.62 8.23 -26.56
CA CYS B 244 -11.54 9.36 -26.65
C CYS B 244 -10.95 10.61 -26.01
N SER B 245 -11.40 11.77 -26.48
CA SER B 245 -11.14 13.05 -25.84
C SER B 245 -12.11 13.31 -24.69
N PHE B 246 -11.65 14.12 -23.73
CA PHE B 246 -12.45 14.56 -22.62
C PHE B 246 -12.54 16.07 -22.72
N LEU B 247 -13.73 16.56 -22.96
CA LEU B 247 -13.96 17.98 -23.08
C LEU B 247 -14.53 18.54 -21.79
N ASN B 248 -13.94 19.65 -21.33
CA ASN B 248 -14.37 20.29 -20.12
C ASN B 248 -15.69 21.00 -20.34
N LYS B 249 -16.67 20.81 -19.45
CA LYS B 249 -17.99 21.36 -19.71
C LYS B 249 -18.04 22.88 -19.52
N GLU B 250 -17.11 23.43 -18.76
CA GLU B 250 -17.06 24.88 -18.57
C GLU B 250 -16.45 25.58 -19.79
N SER B 251 -15.29 25.11 -20.26
CA SER B 251 -14.56 25.78 -21.33
C SER B 251 -14.71 25.19 -22.71
N ASN B 252 -15.24 23.97 -22.80
CA ASN B 252 -15.25 23.20 -24.03
C ASN B 252 -13.86 22.92 -24.60
N LYS B 253 -12.83 23.02 -23.76
CA LYS B 253 -11.45 22.65 -24.10
C LYS B 253 -11.16 21.18 -23.79
N CYS B 254 -10.23 20.61 -24.54
CA CYS B 254 -9.83 19.20 -24.37
C CYS B 254 -8.78 19.02 -23.31
N LEU B 255 -8.92 17.93 -22.56
CA LEU B 255 -7.85 17.39 -21.73
C LEU B 255 -6.67 17.20 -22.67
N ASP B 256 -5.53 17.76 -22.31
CA ASP B 256 -4.43 17.93 -23.25
C ASP B 256 -3.09 17.65 -22.58
N VAL B 257 -2.16 17.07 -23.33
CA VAL B 257 -0.77 16.96 -22.88
C VAL B 257 0.05 18.01 -23.63
N SER B 258 0.91 18.73 -22.91
CA SER B 258 1.72 19.77 -23.54
C SER B 258 2.44 19.21 -24.77
N GLY B 259 2.49 20.02 -25.81
CA GLY B 259 3.13 19.66 -27.06
C GLY B 259 2.33 18.60 -27.75
N ASP B 260 3.04 17.70 -28.42
CA ASP B 260 2.37 16.64 -29.15
C ASP B 260 2.92 15.23 -28.90
N GLN B 261 3.90 15.05 -28.00
CA GLN B 261 4.46 13.71 -27.77
C GLN B 261 3.73 12.84 -26.75
N GLY B 262 2.83 13.46 -25.98
CA GLY B 262 2.03 12.73 -25.02
C GLY B 262 2.76 12.37 -23.76
N THR B 263 3.84 13.08 -23.46
CA THR B 263 4.76 12.72 -22.35
C THR B 263 4.86 13.70 -21.18
N GLY B 264 4.37 14.93 -21.36
CA GLY B 264 4.54 15.96 -20.36
C GLY B 264 3.35 16.23 -19.46
N ASP B 265 3.20 17.50 -19.10
CA ASP B 265 2.21 17.98 -18.15
C ASP B 265 0.83 18.00 -18.78
N VAL B 266 -0.20 17.85 -17.96
CA VAL B 266 -1.57 17.75 -18.43
C VAL B 266 -2.34 19.00 -18.02
N GLY B 267 -3.14 19.51 -18.94
CA GLY B 267 -4.01 20.65 -18.72
C GLY B 267 -5.19 20.60 -19.66
N THR B 268 -5.83 21.73 -19.86
CA THR B 268 -6.80 21.87 -20.94
C THR B 268 -6.33 22.88 -21.97
N TRP B 269 -6.74 22.62 -23.20
CA TRP B 269 -6.32 23.39 -24.33
C TRP B 269 -7.32 23.20 -25.46
N GLN B 270 -7.35 24.15 -26.37
CA GLN B 270 -8.07 23.99 -27.62
C GLN B 270 -7.90 22.56 -28.15
N CYS B 271 -9.03 21.92 -28.44
CA CYS B 271 -9.04 20.62 -29.10
C CYS B 271 -8.39 20.75 -30.45
N ASP B 272 -7.58 19.76 -30.82
CA ASP B 272 -6.91 19.77 -32.12
C ASP B 272 -6.86 18.42 -32.86
N GLY B 273 -7.58 17.41 -32.36
CA GLY B 273 -7.73 16.13 -33.05
C GLY B 273 -6.49 15.25 -33.06
N LEU B 274 -5.44 15.66 -32.37
CA LEU B 274 -4.21 14.87 -32.30
C LEU B 274 -4.33 13.75 -31.28
N PRO B 275 -3.61 12.65 -31.51
CA PRO B 275 -3.69 11.49 -30.64
C PRO B 275 -3.30 11.74 -29.19
N ASP B 276 -2.49 12.77 -28.90
CA ASP B 276 -2.14 13.07 -27.53
C ASP B 276 -3.32 13.65 -26.76
N GLN B 277 -4.43 13.98 -27.44
CA GLN B 277 -5.67 14.42 -26.77
C GLN B 277 -6.70 13.29 -26.67
N ARG B 278 -6.29 12.04 -26.88
CA ARG B 278 -7.22 10.92 -26.72
C ARG B 278 -6.64 9.88 -25.75
N PHE B 279 -7.53 9.27 -24.97
CA PHE B 279 -7.16 8.35 -23.91
C PHE B 279 -8.14 7.20 -23.89
N LYS B 280 -7.62 6.00 -23.59
CA LYS B 280 -8.43 4.78 -23.51
C LYS B 280 -8.49 4.35 -22.05
N TRP B 281 -9.67 3.90 -21.61
CA TRP B 281 -9.83 3.32 -20.31
C TRP B 281 -9.20 1.94 -20.30
N VAL B 282 -8.30 1.72 -19.33
CA VAL B 282 -7.60 0.44 -19.22
C VAL B 282 -7.96 -0.22 -17.90
N PHE B 283 -8.54 -1.41 -18.03
CA PHE B 283 -9.08 -2.19 -16.92
C PHE B 283 -9.29 -3.64 -17.37
N ASP B 284 -9.43 -4.51 -16.38
CA ASP B 284 -9.76 -5.92 -16.60
C ASP B 284 -11.26 -6.12 -16.57
N ASP B 285 -11.73 -6.97 -17.48
CA ASP B 285 -13.14 -7.33 -17.53
C ASP B 285 -13.50 -8.26 -16.36
N TRP B 286 -14.54 -7.87 -15.61
CA TRP B 286 -15.16 -8.72 -14.61
C TRP B 286 -16.65 -8.81 -14.95
N GLU B 287 -17.25 -9.97 -14.70
CA GLU B 287 -18.64 -10.19 -15.05
C GLU B 287 -19.50 -9.35 -14.13
N VAL B 288 -20.66 -8.96 -14.65
CA VAL B 288 -21.63 -8.25 -13.85
C VAL B 288 -21.90 -9.05 -12.57
N PRO B 289 -21.71 -8.42 -11.40
CA PRO B 289 -21.90 -9.16 -10.15
C PRO B 289 -23.34 -9.50 -9.86
N THR B 290 -23.55 -10.59 -9.16
CA THR B 290 -24.86 -11.00 -8.71
C THR B 290 -24.95 -10.96 -7.20
N ALA B 291 -26.07 -10.48 -6.70
CA ALA B 291 -26.38 -10.46 -5.27
C ALA B 291 -27.38 -11.55 -4.96
N THR B 292 -27.10 -12.31 -3.90
CA THR B 292 -28.00 -13.31 -3.34
C THR B 292 -27.92 -13.26 -1.81
N TRP B 293 -28.83 -13.99 -1.17
CA TRP B 293 -28.89 -14.15 0.28
C TRP B 293 -28.66 -15.57 0.70
N ASN B 294 -27.73 -15.78 1.62
CA ASN B 294 -27.45 -17.08 2.20
C ASN B 294 -28.08 -17.19 3.58
N MET B 295 -28.79 -18.28 3.84
CA MET B 295 -29.29 -18.56 5.17
C MET B 295 -28.14 -18.76 6.15
N VAL B 296 -28.19 -18.07 7.29
CA VAL B 296 -27.19 -18.20 8.35
C VAL B 296 -27.75 -19.05 9.48
N GLY B 297 -29.03 -18.88 9.78
CA GLY B 297 -29.69 -19.68 10.80
C GLY B 297 -31.19 -19.36 10.83
N CYS B 298 -31.98 -20.29 11.35
CA CYS B 298 -33.43 -20.13 11.48
C CYS B 298 -33.92 -20.59 12.84
N ASP B 299 -35.12 -20.15 13.20
CA ASP B 299 -35.76 -20.58 14.42
C ASP B 299 -37.25 -20.59 14.21
N GLN B 300 -37.85 -21.77 14.39
CA GLN B 300 -39.29 -21.96 14.25
C GLN B 300 -40.09 -21.26 15.34
N ASN B 301 -39.43 -20.97 16.45
CA ASN B 301 -40.06 -20.40 17.61
C ASN B 301 -39.02 -19.72 18.47
N GLY B 302 -38.73 -18.47 18.14
CA GLY B 302 -37.74 -17.70 18.84
C GLY B 302 -36.92 -16.87 17.91
N LYS B 303 -35.86 -16.26 18.45
CA LYS B 303 -35.01 -15.39 17.68
C LYS B 303 -33.83 -16.20 17.15
N VAL B 304 -33.01 -15.57 16.32
CA VAL B 304 -31.81 -16.18 15.76
C VAL B 304 -30.63 -15.30 16.11
N SER B 305 -29.58 -15.92 16.65
CA SER B 305 -28.33 -15.24 16.94
C SER B 305 -27.23 -16.06 16.30
N GLN B 306 -26.33 -15.39 15.59
CA GLN B 306 -25.21 -16.03 14.92
C GLN B 306 -24.04 -15.10 14.89
N GLN B 307 -22.84 -15.66 14.76
CA GLN B 307 -21.66 -14.91 14.43
C GLN B 307 -21.76 -14.51 12.96
N ILE B 308 -21.42 -13.27 12.65
CA ILE B 308 -21.46 -12.74 11.28
C ILE B 308 -20.11 -12.09 11.00
N SER B 309 -19.39 -12.59 10.00
CA SER B 309 -18.10 -12.05 9.60
C SER B 309 -18.12 -11.57 8.16
N ASN B 310 -17.21 -10.64 7.88
CA ASN B 310 -16.95 -10.19 6.52
C ASN B 310 -15.89 -11.08 5.92
N THR B 311 -16.24 -11.86 4.92
CA THR B 311 -15.27 -12.77 4.30
C THR B 311 -15.27 -12.64 2.80
N ILE B 312 -14.13 -12.98 2.20
CA ILE B 312 -13.93 -12.95 0.75
C ILE B 312 -13.19 -14.24 0.38
N SER B 313 -13.56 -14.81 -0.76
CA SER B 313 -12.81 -15.91 -1.34
C SER B 313 -12.42 -15.57 -2.77
N PHE B 314 -11.20 -15.96 -3.14
CA PHE B 314 -10.70 -15.75 -4.49
C PHE B 314 -9.49 -16.69 -4.70
N SER B 315 -9.05 -16.78 -5.95
CA SER B 315 -7.93 -17.67 -6.34
C SER B 315 -6.54 -17.11 -5.99
N SER B 316 -6.49 -15.84 -5.63
CA SER B 316 -5.29 -15.14 -5.21
C SER B 316 -5.60 -13.99 -4.24
N THR B 317 -4.57 -13.27 -3.82
CA THR B 317 -4.73 -12.15 -2.89
C THR B 317 -5.61 -11.04 -3.45
N VAL B 318 -6.51 -10.54 -2.61
CA VAL B 318 -7.32 -9.41 -2.97
C VAL B 318 -6.52 -8.15 -2.66
N THR B 319 -5.71 -7.78 -3.63
CA THR B 319 -4.86 -6.60 -3.55
C THR B 319 -5.72 -5.37 -3.74
N ALA B 320 -5.12 -4.19 -3.58
CA ALA B 320 -5.84 -2.96 -3.90
C ALA B 320 -6.23 -2.92 -5.38
N GLY B 321 -5.41 -3.54 -6.24
CA GLY B 321 -5.72 -3.72 -7.65
C GLY B 321 -7.02 -4.50 -7.89
N VAL B 322 -7.12 -5.66 -7.26
CA VAL B 322 -8.33 -6.47 -7.38
C VAL B 322 -9.51 -5.68 -6.81
N ALA B 323 -9.28 -5.00 -5.69
CA ALA B 323 -10.33 -4.34 -4.97
C ALA B 323 -10.87 -3.20 -5.83
N VAL B 324 -10.00 -2.46 -6.50
CA VAL B 324 -10.48 -1.33 -7.31
C VAL B 324 -11.25 -1.85 -8.54
N GLU B 325 -10.82 -2.98 -9.09
CA GLU B 325 -11.52 -3.57 -10.24
C GLU B 325 -12.91 -4.01 -9.83
N VAL B 326 -12.99 -4.64 -8.66
CA VAL B 326 -14.27 -5.15 -8.19
C VAL B 326 -15.22 -4.02 -7.79
N SER B 327 -14.71 -3.02 -7.08
CA SER B 327 -15.53 -1.85 -6.71
C SER B 327 -16.09 -1.19 -7.94
N SER B 328 -15.22 -1.01 -8.93
CA SER B 328 -15.62 -0.33 -10.18
C SER B 328 -16.62 -1.15 -10.96
N THR B 329 -16.48 -2.47 -10.95
CA THR B 329 -17.44 -3.36 -11.63
C THR B 329 -18.81 -3.30 -10.94
N ILE B 330 -18.80 -3.38 -9.62
CA ILE B 330 -20.04 -3.23 -8.85
C ILE B 330 -20.76 -1.95 -9.24
N GLU B 331 -20.04 -0.85 -9.27
CA GLU B 331 -20.67 0.45 -9.57
C GLU B 331 -21.28 0.56 -10.96
N LYS B 332 -20.86 -0.28 -11.90
CA LYS B 332 -21.43 -0.29 -13.25
C LYS B 332 -22.80 -0.98 -13.27
N GLY B 333 -23.06 -1.82 -12.29
CA GLY B 333 -24.32 -2.51 -12.16
C GLY B 333 -24.23 -3.87 -11.51
N VAL B 334 -25.29 -4.23 -10.80
CA VAL B 334 -25.37 -5.52 -10.12
C VAL B 334 -26.77 -6.10 -10.40
N ILE B 335 -26.85 -7.42 -10.53
CA ILE B 335 -28.11 -8.13 -10.72
C ILE B 335 -28.58 -8.71 -9.41
N PHE B 336 -29.83 -8.46 -9.08
CA PHE B 336 -30.52 -9.09 -7.98
C PHE B 336 -31.85 -9.58 -8.51
N ALA B 337 -32.11 -10.88 -8.35
CA ALA B 337 -33.39 -11.46 -8.76
C ALA B 337 -33.68 -11.15 -10.23
N LYS B 338 -32.67 -11.31 -11.08
CA LYS B 338 -32.74 -11.17 -12.53
C LYS B 338 -32.86 -9.73 -13.03
N ALA B 339 -32.78 -8.76 -12.12
CA ALA B 339 -32.96 -7.37 -12.51
C ALA B 339 -31.86 -6.48 -12.00
N THR B 340 -31.70 -5.33 -12.65
CA THR B 340 -30.75 -4.34 -12.18
C THR B 340 -31.24 -3.70 -10.88
N VAL B 341 -30.31 -3.16 -10.12
CA VAL B 341 -30.68 -2.42 -8.91
C VAL B 341 -30.43 -0.94 -9.20
N SER B 342 -30.91 -0.09 -8.31
CA SER B 342 -30.75 1.35 -8.46
C SER B 342 -29.33 1.81 -8.26
N VAL B 343 -29.07 3.07 -8.65
CA VAL B 343 -27.76 3.65 -8.54
C VAL B 343 -27.35 3.74 -7.08
N LYS B 344 -28.29 4.04 -6.19
CA LYS B 344 -27.90 4.14 -4.79
C LYS B 344 -27.49 2.79 -4.23
N VAL B 345 -28.09 1.70 -4.73
CA VAL B 345 -27.71 0.35 -4.28
C VAL B 345 -26.29 0.02 -4.71
N THR B 346 -25.96 0.21 -5.99
CA THR B 346 -24.60 -0.06 -6.44
C THR B 346 -23.57 0.89 -5.85
N ALA B 347 -23.92 2.17 -5.73
CA ALA B 347 -22.99 3.10 -5.11
C ALA B 347 -22.67 2.67 -3.69
N SER B 348 -23.71 2.35 -2.94
CA SER B 348 -23.55 1.98 -1.54
C SER B 348 -22.83 0.65 -1.43
N LEU B 349 -23.17 -0.31 -2.28
CA LEU B 349 -22.46 -1.59 -2.26
C LEU B 349 -20.95 -1.43 -2.51
N SER B 350 -20.60 -0.57 -3.44
CA SER B 350 -19.19 -0.30 -3.74
C SER B 350 -18.48 0.37 -2.59
N LYS B 351 -19.16 1.30 -1.95
CA LYS B 351 -18.61 1.95 -0.78
C LYS B 351 -18.39 0.94 0.32
N ALA B 352 -19.37 0.07 0.55
CA ALA B 352 -19.24 -0.97 1.58
C ALA B 352 -18.04 -1.89 1.31
N TRP B 353 -17.87 -2.28 0.05
CA TRP B 353 -16.79 -3.18 -0.37
C TRP B 353 -15.45 -2.51 -0.11
N THR B 354 -15.35 -1.24 -0.50
CA THR B 354 -14.11 -0.49 -0.31
C THR B 354 -13.77 -0.33 1.19
N ASN B 355 -14.79 -0.01 1.98
CA ASN B 355 -14.59 0.31 3.39
C ASN B 355 -14.19 -0.93 4.16
N SER B 356 -14.65 -2.09 3.70
CA SER B 356 -14.39 -3.36 4.36
C SER B 356 -12.93 -3.82 4.18
N GLN B 357 -12.29 -3.43 3.09
CA GLN B 357 -10.90 -3.83 2.82
C GLN B 357 -9.96 -3.50 3.97
N SER B 358 -10.16 -2.33 4.61
CA SER B 358 -9.23 -1.83 5.63
C SER B 358 -9.22 -2.67 6.91
N GLY B 359 -10.25 -3.51 7.09
CA GLY B 359 -10.29 -4.46 8.18
C GLY B 359 -11.68 -4.50 8.80
N THR B 360 -12.07 -5.66 9.31
CA THR B 360 -13.34 -5.81 10.02
C THR B 360 -13.23 -6.73 11.22
N THR B 361 -14.29 -6.74 12.02
CA THR B 361 -14.36 -7.59 13.18
C THR B 361 -15.67 -8.36 13.19
N ALA B 362 -15.60 -9.67 13.43
CA ALA B 362 -16.81 -10.48 13.57
C ALA B 362 -17.70 -9.93 14.68
N ILE B 363 -19.01 -9.99 14.47
CA ILE B 363 -19.97 -9.61 15.50
C ILE B 363 -20.90 -10.76 15.80
N THR B 364 -21.48 -10.72 16.99
CA THR B 364 -22.60 -11.56 17.34
C THR B 364 -23.82 -10.74 17.03
N TYR B 365 -24.63 -11.21 16.09
CA TYR B 365 -25.82 -10.47 15.71
C TYR B 365 -27.06 -11.25 16.05
N THR B 366 -28.10 -10.55 16.51
CA THR B 366 -29.37 -11.19 16.82
C THR B 366 -30.50 -10.56 16.02
N CYS B 367 -31.38 -11.39 15.49
CA CYS B 367 -32.59 -10.92 14.84
C CYS B 367 -33.61 -10.60 15.93
N ASP B 368 -33.63 -9.36 16.39
CA ASP B 368 -34.66 -8.92 17.34
C ASP B 368 -35.90 -8.43 16.60
N ASN B 369 -35.71 -7.93 15.37
CA ASN B 369 -36.79 -7.40 14.56
C ASN B 369 -36.69 -7.88 13.12
N TYR B 370 -37.83 -8.11 12.48
CA TYR B 370 -37.85 -8.33 11.04
C TYR B 370 -37.32 -7.12 10.34
N ASP B 371 -36.81 -7.33 9.13
CA ASP B 371 -36.33 -6.23 8.32
C ASP B 371 -37.41 -5.18 8.05
N SER B 372 -38.67 -5.58 8.09
CA SER B 372 -39.81 -4.67 7.92
C SER B 372 -40.19 -3.89 9.20
N ASP B 373 -39.67 -4.32 10.36
CA ASP B 373 -39.61 -3.55 11.64
C ASP B 373 -40.32 -4.24 12.82
N GLU B 374 -41.22 -5.17 12.54
CA GLU B 374 -41.99 -5.84 13.61
C GLU B 374 -41.07 -6.74 14.44
N GLU B 375 -41.52 -7.09 15.65
CA GLU B 375 -40.73 -7.96 16.51
C GLU B 375 -40.54 -9.34 15.88
N PHE B 376 -39.32 -9.86 15.94
CA PHE B 376 -38.97 -11.15 15.40
C PHE B 376 -39.38 -12.25 16.40
N THR B 377 -40.29 -13.14 15.98
CA THR B 377 -40.74 -14.27 16.81
C THR B 377 -40.47 -15.65 16.18
N ARG B 378 -40.06 -15.66 14.93
CA ARG B 378 -39.69 -16.87 14.19
C ARG B 378 -39.17 -16.45 12.82
N GLY B 379 -38.35 -17.28 12.19
CA GLY B 379 -37.84 -16.97 10.87
C GLY B 379 -36.38 -17.26 10.71
N CYS B 380 -35.75 -16.58 9.77
CA CYS B 380 -34.36 -16.83 9.40
C CYS B 380 -33.56 -15.56 9.32
N MET B 381 -32.27 -15.68 9.63
CA MET B 381 -31.29 -14.65 9.39
C MET B 381 -30.59 -14.94 8.08
N TRP B 382 -30.42 -13.91 7.24
CA TRP B 382 -29.88 -14.06 5.88
C TRP B 382 -28.68 -13.15 5.73
N GLN B 383 -27.61 -13.64 5.09
CA GLN B 383 -26.40 -12.84 4.88
C GLN B 383 -26.18 -12.64 3.39
N LEU B 384 -25.81 -11.43 3.01
CA LEU B 384 -25.57 -11.09 1.63
C LEU B 384 -24.36 -11.85 1.06
N ALA B 385 -24.51 -12.26 -0.19
CA ALA B 385 -23.39 -12.73 -0.99
C ALA B 385 -23.34 -11.97 -2.30
N ILE B 386 -22.14 -11.51 -2.67
CA ILE B 386 -21.92 -10.90 -3.97
C ILE B 386 -20.87 -11.74 -4.70
N GLU B 387 -21.19 -12.15 -5.93
CA GLU B 387 -20.29 -12.95 -6.73
C GLU B 387 -19.97 -12.24 -8.02
N THR B 388 -18.72 -12.33 -8.45
CA THR B 388 -18.31 -11.85 -9.74
C THR B 388 -17.11 -12.69 -10.20
N THR B 389 -16.91 -12.74 -11.52
CA THR B 389 -15.87 -13.57 -12.12
C THR B 389 -14.90 -12.70 -12.95
N GLU B 390 -13.61 -12.90 -12.78
CA GLU B 390 -12.60 -12.21 -13.56
C GLU B 390 -12.52 -12.92 -14.92
N VAL B 391 -12.87 -12.20 -15.98
CA VAL B 391 -13.06 -12.83 -17.28
C VAL B 391 -11.78 -13.50 -17.82
N LYS B 392 -10.63 -12.83 -17.66
CA LYS B 392 -9.38 -13.35 -18.21
C LYS B 392 -8.93 -14.68 -17.60
N SER B 393 -9.28 -14.92 -16.34
CA SER B 393 -8.93 -16.18 -15.67
C SER B 393 -10.08 -17.17 -15.55
N GLY B 394 -11.31 -16.66 -15.56
CA GLY B 394 -12.48 -17.46 -15.20
C GLY B 394 -12.65 -17.68 -13.70
N ASP B 395 -11.87 -16.95 -12.88
CA ASP B 395 -11.86 -17.19 -11.43
C ASP B 395 -12.97 -16.40 -10.73
N LEU B 396 -13.72 -17.11 -9.90
CA LEU B 396 -14.82 -16.53 -9.13
C LEU B 396 -14.31 -15.87 -7.86
N LEU B 397 -14.81 -14.68 -7.59
CA LEU B 397 -14.65 -13.99 -6.31
C LEU B 397 -16.02 -13.96 -5.63
N VAL B 398 -16.04 -14.36 -4.37
CA VAL B 398 -17.23 -14.29 -3.56
C VAL B 398 -16.98 -13.38 -2.38
N TRP B 399 -17.91 -12.45 -2.13
CA TRP B 399 -17.84 -11.57 -0.97
C TRP B 399 -19.06 -11.78 -0.10
N ASN B 400 -18.84 -12.08 1.18
CA ASN B 400 -19.89 -12.14 2.17
C ASN B 400 -19.73 -11.01 3.20
N PRO B 401 -20.29 -9.83 2.93
CA PRO B 401 -20.20 -8.73 3.90
C PRO B 401 -21.11 -8.93 5.11
N GLN B 402 -20.93 -8.07 6.12
CA GLN B 402 -21.77 -8.04 7.31
C GLN B 402 -23.04 -7.26 7.04
N ILE B 403 -23.78 -7.72 6.03
CA ILE B 403 -25.04 -7.14 5.65
C ILE B 403 -26.06 -8.25 5.77
N VAL B 404 -27.08 -8.03 6.59
CA VAL B 404 -28.01 -9.08 7.03
C VAL B 404 -29.45 -8.61 6.88
N LYS B 405 -30.34 -9.54 6.55
CA LYS B 405 -31.77 -9.33 6.68
C LYS B 405 -32.38 -10.42 7.52
N CYS B 406 -33.20 -9.98 8.48
CA CYS B 406 -34.01 -10.86 9.29
C CYS B 406 -35.42 -10.92 8.73
N THR B 407 -35.89 -12.10 8.35
CA THR B 407 -37.25 -12.27 7.86
C THR B 407 -37.96 -13.41 8.56
N ARG B 408 -39.26 -13.47 8.36
CA ARG B 408 -40.14 -14.45 8.96
C ARG B 408 -40.16 -15.76 8.18
N SER B 409 -39.46 -15.79 7.04
CA SER B 409 -39.55 -16.87 6.06
C SER B 409 -38.27 -17.70 5.87
N ASN B 410 -38.47 -18.96 5.50
CA ASN B 410 -37.42 -19.85 5.01
C ASN B 410 -37.03 -19.58 3.58
N THR B 411 -37.80 -18.75 2.89
CA THR B 411 -37.53 -18.32 1.52
C THR B 411 -36.62 -17.10 1.56
N ALA B 412 -35.62 -17.06 0.68
CA ALA B 412 -34.66 -15.94 0.67
C ALA B 412 -35.40 -14.62 0.46
N PRO B 413 -34.91 -13.56 1.09
CA PRO B 413 -35.51 -12.25 0.89
C PRO B 413 -35.70 -11.89 -0.59
N GLY B 414 -36.83 -11.25 -0.87
CA GLY B 414 -37.09 -10.79 -2.23
C GLY B 414 -36.61 -9.37 -2.53
N CYS B 415 -35.74 -8.83 -1.69
CA CYS B 415 -35.27 -7.47 -1.77
C CYS B 415 -33.76 -7.44 -1.77
N ALA B 416 -33.22 -6.55 -2.59
CA ALA B 416 -31.80 -6.36 -2.73
C ALA B 416 -31.22 -5.74 -1.46
N PRO B 417 -29.91 -5.88 -1.23
CA PRO B 417 -29.24 -5.12 -0.19
C PRO B 417 -29.46 -3.64 -0.48
N PHE B 418 -29.44 -2.85 0.59
CA PHE B 418 -29.72 -1.40 0.54
C PHE B 418 -31.13 -1.03 0.07
N THR B 419 -32.04 -1.99 0.17
CA THR B 419 -33.47 -1.75 0.05
C THR B 419 -34.15 -2.40 1.24
N LYS B 420 -35.38 -2.00 1.52
CA LYS B 420 -36.09 -2.44 2.70
C LYS B 420 -37.18 -3.45 2.41
N CYS B 421 -37.19 -4.53 3.15
CA CYS B 421 -38.30 -5.45 3.12
C CYS B 421 -39.58 -4.73 3.53
N ALA B 422 -40.63 -4.88 2.73
CA ALA B 422 -41.90 -4.19 2.97
C ALA B 422 -42.81 -4.94 3.92
N ASN B 423 -42.56 -6.24 4.05
CA ASN B 423 -43.33 -7.08 4.95
C ASN B 423 -42.44 -8.12 5.62
N GLU B 424 -43.02 -8.87 6.55
CA GLU B 424 -42.24 -9.75 7.43
C GLU B 424 -41.54 -10.85 6.65
N ASP B 425 -42.26 -11.45 5.72
CA ASP B 425 -41.70 -12.49 4.87
C ASP B 425 -40.76 -11.94 3.79
N CYS B 426 -40.82 -10.62 3.59
CA CYS B 426 -39.98 -9.88 2.63
C CYS B 426 -40.22 -10.31 1.18
N THR B 427 -41.46 -10.19 0.73
CA THR B 427 -41.84 -10.56 -0.65
C THR B 427 -41.89 -9.39 -1.60
N PHE B 428 -41.87 -8.18 -1.05
CA PHE B 428 -41.72 -6.99 -1.85
C PHE B 428 -41.00 -5.94 -1.01
N CYS B 429 -40.67 -4.81 -1.64
CA CYS B 429 -39.67 -3.89 -1.13
C CYS B 429 -40.09 -2.44 -1.16
N THR B 430 -39.49 -1.68 -0.25
CA THR B 430 -39.51 -0.21 -0.29
C THR B 430 -38.08 0.32 -0.26
N ASP B 431 -37.95 1.64 -0.38
CA ASP B 431 -36.64 2.27 -0.34
C ASP B 431 -35.67 1.68 -1.36
N ILE B 432 -36.15 1.52 -2.59
CA ILE B 432 -35.36 0.86 -3.61
C ILE B 432 -34.33 1.78 -4.24
CA CA C . 4.88 -9.35 2.18
CA CA D . 3.86 -6.58 22.69
CA CA E . 19.35 -23.64 -14.24
CA CA F . 16.27 -27.66 4.79
CA CA G . 30.08 -38.32 -4.66
MG MG H . -0.30 -3.60 11.50
MG MG I . 19.86 -31.96 -5.94
CL CL J . 15.04 -33.75 8.25
C1 BTB K . 17.79 2.20 -2.25
O1 BTB K . 17.89 0.88 -2.72
C2 BTB K . 17.34 3.09 -3.41
C3 BTB K . 18.46 3.13 -4.46
O3 BTB K . 19.60 3.87 -4.02
C4 BTB K . 16.13 2.45 -4.07
O4 BTB K . 15.06 2.30 -3.13
N BTB K . 16.84 4.40 -2.93
C5 BTB K . 16.46 5.41 -3.97
C6 BTB K . 16.96 6.82 -3.66
O6 BTB K . 18.38 6.81 -3.75
C7 BTB K . 16.44 4.67 -1.54
C8 BTB K . 17.53 4.74 -0.46
O8 BTB K . 18.59 5.65 -0.78
CA CA L . -15.62 16.48 9.45
CA CA M . -33.80 26.45 9.61
CA CA N . 1.57 9.51 -8.84
CA CA O . -11.20 24.20 -10.71
CA CA P . -1.13 18.73 -26.97
MG MG Q . -24.95 20.64 15.86
MG MG R . -1.08 19.22 -14.82
CL CL S . -10.46 30.67 -13.49
#